data_3CZS
#
_entry.id   3CZS
#
_cell.length_a   68.846
_cell.length_b   109.889
_cell.length_c   138.490
_cell.angle_alpha   90.000
_cell.angle_beta   90.000
_cell.angle_gamma   90.000
#
_symmetry.space_group_name_H-M   'P 21 21 21'
#
loop_
_entity.id
_entity.type
_entity.pdbx_description
1 polymer 'Alpha-mannosidase 2'
2 non-polymer 2-acetamido-2-deoxy-beta-D-glucopyranose
3 non-polymer alpha-D-mannopyranose
4 non-polymer 'ZINC ION'
5 non-polymer (4S)-2-METHYL-2,4-PENTANEDIOL
6 water water
#
_entity_poly.entity_id   1
_entity_poly.type   'polypeptide(L)'
_entity_poly.pdbx_seq_one_letter_code
;RSSHHHHHHGEFDDPIRPPLKVARSPRPGQCQDVVQDVPNVDVQMLELYDRMSFKDIDGGVWKQGWNIKYDPLKYNAHHK
LKVFVVPHSHNDPGWIQTFEEYYQHDTKHILSNALRHLHDNPEMKFIWAEISYFARFYHDLGENKKLQMKSIVKNGQLEF
VTGGWVMPDEANSHWRNVLLQLTEGQTWLKQFMNVTPTASWAIAPFGHSPTMPYILQKSGFKNMLIQRTHYSVKKELAQQ
RQLEFLWRQIWDNKGDTALFTHMMPFYSYDIPHTCGPDPKVCCQFDFKRMGSFGLSCPWKVPPRTISDQNVAARSDLLVD
QWKKKAELYRTNVLLIPLGDDFRFKQNTEWDVQRVNYERLFEHINSQAHFNVQAQFGTLQEYFDAVHQAERAGQAEFPTL
SGDFFTYADRSDNYWSGYYTSRPYHKRMDRVLMHYVRAAEMLSAWHSWDGMARIEERLEQARRELSLFQHHDGITGTAKT
HVVVDYEQRMQEALKACQMVMQQSVYRLLTKPSIYSPDFSFSYFTLDDSRWPGSGVEDSRTTIILGEDILPSKHVVMHNT
LPHWREQLVDFYVSSPFVSVTDLANNPVEAQVSPVWSWHHDTLTKTIHPQGSTTKYRIIFKARVPPMGLATYVLTISDSK
PEHTSYASNLLLRKNPTSLPLGQYPEDVKFGDPREISLRVGNGPTLAFSEQGLLKSIQLTQDSPHVPVHFKFLKYGVRSH
GDRSGAYLFLPNGPASPVELGQPVVLVTKGKLESSVSVGLPSVVHQTIMRGGAPEIRNLVDIGSLDNTEIVMRLETHIDS
GDIFYTDLNGLQFIKRRRLDKLPLQANYYPIPSGMFIEDANTRLTLLTGQPLGGSSLASGELEIMQDRRLASDDERGLGQ
GVLDNKPVLHIYRLVLEKVNNCVRPSKLHPAGYLTSAAHKASQSLLDPLDKFIFAENEWIGAQGQFGGDHPSAREDLDVS
VMRRLTKSSAKTQRVGYVLHRTNLMQCGTPEEHTQKLDVCHLLPNVARCERTTLTFLQNLEHLDGMVAPEVCPMETAAYV
SSHSS
;
_entity_poly.pdbx_strand_id   A
#
# COMPACT_ATOMS: atom_id res chain seq x y z
N CYS A 31 -22.93 -12.62 -12.71
CA CYS A 31 -22.00 -12.22 -11.62
C CYS A 31 -22.50 -12.66 -10.25
N GLN A 32 -21.56 -13.00 -9.38
CA GLN A 32 -21.84 -13.29 -7.97
C GLN A 32 -22.35 -12.02 -7.28
N ASP A 33 -23.33 -12.21 -6.41
CA ASP A 33 -23.85 -11.13 -5.58
C ASP A 33 -22.93 -11.00 -4.38
N VAL A 34 -22.24 -9.86 -4.27
CA VAL A 34 -21.24 -9.66 -3.22
C VAL A 34 -21.83 -9.01 -1.96
N VAL A 35 -23.14 -8.75 -1.98
CA VAL A 35 -23.81 -8.05 -0.90
C VAL A 35 -24.73 -8.93 -0.06
N GLN A 36 -25.52 -9.76 -0.73
CA GLN A 36 -26.72 -10.34 -0.12
C GLN A 36 -26.57 -11.79 0.32
N ASP A 37 -25.48 -12.43 -0.08
CA ASP A 37 -25.23 -13.83 0.24
C ASP A 37 -24.03 -13.93 1.19
N VAL A 38 -24.30 -14.26 2.46
CA VAL A 38 -23.21 -14.43 3.44
C VAL A 38 -22.51 -15.77 3.20
N PRO A 39 -21.22 -15.74 2.85
CA PRO A 39 -20.50 -16.99 2.60
C PRO A 39 -20.48 -17.91 3.80
N ASN A 40 -20.62 -19.21 3.54
CA ASN A 40 -20.47 -20.20 4.58
C ASN A 40 -19.03 -20.73 4.55
N VAL A 41 -18.26 -20.34 5.56
CA VAL A 41 -16.86 -20.76 5.67
C VAL A 41 -16.65 -21.44 7.01
N ASP A 42 -15.64 -22.29 7.09
CA ASP A 42 -15.35 -22.98 8.35
C ASP A 42 -14.78 -22.04 9.40
N VAL A 43 -13.98 -21.08 8.95
CA VAL A 43 -13.36 -20.10 9.82
C VAL A 43 -13.61 -18.73 9.23
N GLN A 44 -14.30 -17.88 9.98
CA GLN A 44 -14.49 -16.50 9.57
C GLN A 44 -13.81 -15.66 10.65
N MET A 45 -12.80 -14.90 10.27
CA MET A 45 -11.91 -14.34 11.28
C MET A 45 -12.56 -13.37 12.27
N LEU A 46 -13.55 -12.62 11.81
CA LEU A 46 -14.27 -11.73 12.72
C LEU A 46 -15.03 -12.54 13.76
N GLU A 47 -15.66 -13.63 13.32
CA GLU A 47 -16.41 -14.51 14.21
C GLU A 47 -15.45 -15.17 15.18
N LEU A 48 -14.31 -15.63 14.67
CA LEU A 48 -13.29 -16.25 15.52
C LEU A 48 -12.84 -15.28 16.61
N TYR A 49 -12.55 -14.03 16.21
CA TYR A 49 -12.16 -12.99 17.15
C TYR A 49 -13.20 -12.76 18.25
N ASP A 50 -14.47 -12.82 17.88
CA ASP A 50 -15.57 -12.61 18.83
C ASP A 50 -15.57 -13.72 19.90
N ARG A 51 -15.25 -14.95 19.49
CA ARG A 51 -15.27 -16.14 20.36
C ARG A 51 -14.00 -16.37 21.19
N MET A 52 -12.83 -16.02 20.64
CA MET A 52 -11.54 -16.27 21.30
CA MET A 52 -11.53 -16.26 21.29
C MET A 52 -11.36 -15.44 22.57
N SER A 53 -10.64 -16.02 23.53
N SER A 53 -10.67 -16.00 23.56
CA SER A 53 -10.39 -15.36 24.81
CA SER A 53 -10.42 -15.24 24.78
C SER A 53 -9.02 -14.66 24.88
C SER A 53 -9.05 -14.55 24.82
N PHE A 54 -8.13 -14.98 23.95
CA PHE A 54 -6.81 -14.35 23.83
C PHE A 54 -5.97 -14.41 25.12
N LYS A 55 -6.15 -15.46 25.91
CA LYS A 55 -5.36 -15.59 27.14
C LYS A 55 -3.92 -15.91 26.81
N ASP A 56 -3.00 -15.20 27.47
CA ASP A 56 -1.58 -15.32 27.21
C ASP A 56 -0.91 -16.18 28.29
N ILE A 57 -1.16 -17.48 28.23
CA ILE A 57 -0.62 -18.40 29.23
C ILE A 57 0.65 -19.09 28.75
N ASP A 58 1.53 -19.40 29.70
CA ASP A 58 2.76 -20.11 29.43
C ASP A 58 2.41 -21.55 29.05
N GLY A 59 2.63 -21.91 27.79
CA GLY A 59 2.31 -23.23 27.30
C GLY A 59 3.43 -24.26 27.48
N GLY A 60 4.51 -23.86 28.15
CA GLY A 60 5.68 -24.72 28.30
C GLY A 60 6.78 -24.33 27.33
N VAL A 61 7.48 -25.33 26.79
CA VAL A 61 8.55 -25.07 25.82
C VAL A 61 8.02 -24.32 24.58
N TRP A 62 6.83 -24.70 24.14
CA TRP A 62 6.11 -23.89 23.16
C TRP A 62 5.35 -22.87 23.96
N LYS A 63 5.96 -21.70 24.12
CA LYS A 63 5.51 -20.72 25.12
C LYS A 63 4.07 -20.25 24.91
N GLN A 64 3.66 -20.19 23.65
CA GLN A 64 2.34 -19.70 23.31
C GLN A 64 1.40 -20.79 22.81
N GLY A 65 1.79 -22.05 23.03
CA GLY A 65 0.97 -23.20 22.62
C GLY A 65 0.66 -24.12 23.80
N TRP A 66 0.97 -25.39 23.61
CA TRP A 66 0.76 -26.41 24.65
C TRP A 66 1.78 -27.50 24.42
N ASN A 67 1.87 -28.46 25.33
CA ASN A 67 2.78 -29.59 25.20
C ASN A 67 2.17 -30.60 24.21
N ILE A 68 2.70 -30.63 23.00
CA ILE A 68 2.13 -31.45 21.95
C ILE A 68 2.45 -32.92 22.23
N LYS A 69 1.43 -33.75 22.10
CA LYS A 69 1.60 -35.20 22.21
C LYS A 69 1.22 -35.85 20.89
N TYR A 70 1.90 -36.93 20.54
CA TYR A 70 1.55 -37.71 19.36
C TYR A 70 1.55 -39.20 19.67
N ASP A 71 0.82 -39.94 18.86
CA ASP A 71 0.80 -41.40 18.92
C ASP A 71 1.96 -41.93 18.09
N PRO A 72 2.94 -42.58 18.75
CA PRO A 72 4.07 -43.12 17.96
C PRO A 72 3.64 -44.07 16.85
N LEU A 73 2.48 -44.68 17.00
CA LEU A 73 1.97 -45.66 16.03
C LEU A 73 1.20 -45.04 14.85
N LYS A 74 1.15 -43.70 14.80
CA LYS A 74 0.49 -43.01 13.69
C LYS A 74 1.22 -43.24 12.36
N TYR A 75 2.55 -43.29 12.43
N TYR A 75 2.55 -43.30 12.43
CA TYR A 75 3.34 -43.58 11.25
CA TYR A 75 3.35 -43.54 11.23
C TYR A 75 3.87 -45.00 11.32
C TYR A 75 4.02 -44.92 11.28
N ASN A 76 3.91 -45.65 10.16
CA ASN A 76 4.42 -47.02 10.02
C ASN A 76 4.94 -47.23 8.61
N ALA A 77 5.36 -48.46 8.30
CA ALA A 77 5.91 -48.78 6.98
C ALA A 77 5.02 -48.34 5.82
N HIS A 78 3.70 -48.41 6.03
CA HIS A 78 2.73 -48.11 4.98
C HIS A 78 2.24 -46.67 5.01
N HIS A 79 2.64 -45.94 6.06
CA HIS A 79 2.27 -44.54 6.21
C HIS A 79 3.39 -43.75 6.89
N LYS A 80 4.31 -43.25 6.07
CA LYS A 80 5.50 -42.57 6.56
C LYS A 80 5.29 -41.06 6.61
N LEU A 81 6.05 -40.40 7.47
CA LEU A 81 6.08 -38.95 7.49
C LEU A 81 7.11 -38.47 6.48
N LYS A 82 6.65 -37.71 5.49
N LYS A 82 6.67 -37.66 5.52
CA LYS A 82 7.52 -37.12 4.50
CA LYS A 82 7.54 -37.13 4.48
C LYS A 82 7.90 -35.74 5.03
C LYS A 82 7.92 -35.69 4.81
N VAL A 83 9.19 -35.47 5.11
CA VAL A 83 9.68 -34.19 5.63
C VAL A 83 10.49 -33.47 4.57
N PHE A 84 10.09 -32.23 4.27
CA PHE A 84 10.84 -31.38 3.34
C PHE A 84 11.51 -30.27 4.10
N VAL A 85 12.84 -30.32 4.12
CA VAL A 85 13.64 -29.28 4.76
C VAL A 85 14.00 -28.29 3.66
N VAL A 86 13.55 -27.05 3.85
CA VAL A 86 13.62 -26.06 2.78
C VAL A 86 14.57 -24.93 3.16
N PRO A 87 15.81 -24.97 2.65
CA PRO A 87 16.76 -23.90 2.99
C PRO A 87 16.36 -22.56 2.37
N HIS A 88 16.53 -21.50 3.15
CA HIS A 88 16.15 -20.15 2.70
C HIS A 88 17.01 -19.10 3.37
N SER A 89 16.93 -17.89 2.83
CA SER A 89 17.68 -16.76 3.34
C SER A 89 16.84 -15.51 3.16
N HIS A 90 16.44 -14.91 4.27
CA HIS A 90 15.57 -13.75 4.18
C HIS A 90 16.44 -12.50 3.96
N ASN A 91 16.27 -11.88 2.79
CA ASN A 91 17.09 -10.72 2.42
C ASN A 91 16.28 -9.46 2.27
N ASP A 92 16.41 -8.57 3.24
CA ASP A 92 15.66 -7.31 3.25
C ASP A 92 16.24 -6.33 2.26
N PRO A 93 15.44 -5.86 1.28
CA PRO A 93 15.88 -4.79 0.36
C PRO A 93 15.87 -3.43 1.05
N GLY A 94 16.73 -3.28 2.05
CA GLY A 94 16.76 -2.10 2.91
C GLY A 94 16.09 -2.40 4.24
N TRP A 95 16.76 -2.04 5.33
CA TRP A 95 16.18 -2.10 6.68
C TRP A 95 17.16 -1.38 7.60
N ILE A 96 18.19 -2.08 8.07
CA ILE A 96 19.22 -1.41 8.87
C ILE A 96 20.42 -0.96 8.03
N GLN A 97 20.49 -1.49 6.80
N GLN A 97 20.47 -1.48 6.80
CA GLN A 97 21.38 -0.96 5.78
CA GLN A 97 21.37 -1.00 5.76
C GLN A 97 20.53 -0.68 4.55
C GLN A 97 20.53 -0.68 4.54
N THR A 98 21.09 0.07 3.59
CA THR A 98 20.38 0.33 2.35
C THR A 98 20.43 -0.93 1.49
N PHE A 99 19.58 -0.95 0.46
CA PHE A 99 19.62 -2.01 -0.54
C PHE A 99 21.04 -2.24 -1.04
N GLU A 100 21.71 -1.17 -1.48
CA GLU A 100 23.06 -1.33 -2.04
C GLU A 100 24.07 -1.79 -1.00
N GLU A 101 23.97 -1.30 0.23
CA GLU A 101 24.87 -1.72 1.30
C GLU A 101 24.72 -3.19 1.58
N TYR A 102 23.48 -3.66 1.74
CA TYR A 102 23.26 -5.08 1.96
C TYR A 102 23.72 -5.90 0.76
N TYR A 103 23.49 -5.41 -0.44
CA TYR A 103 23.92 -6.17 -1.61
C TYR A 103 25.41 -6.38 -1.58
N GLN A 104 26.15 -5.31 -1.28
CA GLN A 104 27.61 -5.39 -1.31
C GLN A 104 28.16 -6.22 -0.18
N HIS A 105 27.55 -6.11 0.99
CA HIS A 105 28.09 -6.75 2.19
C HIS A 105 27.61 -8.18 2.38
N ASP A 106 26.40 -8.47 1.91
CA ASP A 106 25.76 -9.75 2.21
C ASP A 106 25.23 -10.50 1.00
N THR A 107 24.27 -9.90 0.32
CA THR A 107 23.45 -10.61 -0.65
C THR A 107 24.25 -11.10 -1.86
N LYS A 108 25.20 -10.30 -2.34
CA LYS A 108 25.94 -10.77 -3.50
C LYS A 108 26.75 -12.02 -3.14
N HIS A 109 27.18 -12.12 -1.90
CA HIS A 109 27.91 -13.30 -1.43
C HIS A 109 27.01 -14.50 -1.22
N ILE A 110 25.83 -14.25 -0.66
CA ILE A 110 24.83 -15.31 -0.51
C ILE A 110 24.50 -15.92 -1.86
N LEU A 111 24.22 -15.08 -2.86
CA LEU A 111 23.84 -15.60 -4.17
C LEU A 111 25.01 -16.26 -4.89
N SER A 112 26.21 -15.70 -4.77
N SER A 112 26.21 -15.68 -4.78
CA SER A 112 27.39 -16.28 -5.40
CA SER A 112 27.41 -16.26 -5.36
C SER A 112 27.71 -17.64 -4.79
C SER A 112 27.68 -17.64 -4.79
N ASN A 113 27.60 -17.75 -3.47
CA ASN A 113 27.87 -19.01 -2.81
C ASN A 113 26.72 -20.00 -2.99
N ALA A 114 25.48 -19.52 -3.14
CA ALA A 114 24.38 -20.41 -3.50
C ALA A 114 24.62 -21.04 -4.86
N LEU A 115 25.03 -20.22 -5.82
CA LEU A 115 25.27 -20.73 -7.14
C LEU A 115 26.35 -21.83 -7.11
N ARG A 116 27.44 -21.58 -6.39
N ARG A 116 27.46 -21.56 -6.45
CA ARG A 116 28.52 -22.55 -6.22
CA ARG A 116 28.55 -22.51 -6.35
C ARG A 116 28.05 -23.84 -5.53
C ARG A 116 28.13 -23.79 -5.63
N HIS A 117 27.47 -23.69 -4.35
N HIS A 117 27.48 -23.64 -4.49
CA HIS A 117 27.14 -24.84 -3.54
CA HIS A 117 27.15 -24.80 -3.67
C HIS A 117 26.00 -25.68 -4.08
C HIS A 117 26.10 -25.69 -4.33
N LEU A 118 25.06 -25.06 -4.78
N LEU A 118 25.04 -25.08 -4.84
CA LEU A 118 24.02 -25.82 -5.45
CA LEU A 118 23.98 -25.84 -5.50
C LEU A 118 24.60 -26.55 -6.66
C LEU A 118 24.49 -26.52 -6.75
N HIS A 119 25.37 -25.84 -7.48
CA HIS A 119 26.01 -26.46 -8.64
C HIS A 119 26.76 -27.73 -8.22
N ASP A 120 27.52 -27.63 -7.14
CA ASP A 120 28.38 -28.73 -6.68
C ASP A 120 27.69 -29.84 -5.89
N ASN A 121 26.48 -29.56 -5.39
CA ASN A 121 25.75 -30.50 -4.54
C ASN A 121 24.35 -30.71 -5.08
N PRO A 122 24.18 -31.65 -6.03
CA PRO A 122 22.93 -31.77 -6.77
C PRO A 122 21.66 -31.99 -5.94
N GLU A 123 21.78 -32.50 -4.72
CA GLU A 123 20.59 -32.75 -3.87
C GLU A 123 20.23 -31.58 -2.97
N MET A 124 21.11 -30.58 -2.88
CA MET A 124 20.85 -29.39 -2.09
C MET A 124 19.84 -28.52 -2.81
N LYS A 125 19.00 -27.83 -2.05
CA LYS A 125 17.94 -26.97 -2.57
C LYS A 125 17.98 -25.63 -1.88
N PHE A 126 17.32 -24.64 -2.46
CA PHE A 126 17.32 -23.28 -1.93
C PHE A 126 16.16 -22.55 -2.56
N ILE A 127 15.46 -21.76 -1.75
CA ILE A 127 14.39 -20.91 -2.30
C ILE A 127 14.80 -19.45 -2.20
N TRP A 128 14.30 -18.65 -3.14
CA TRP A 128 14.61 -17.23 -3.21
C TRP A 128 13.35 -16.42 -3.47
N ALA A 129 13.16 -15.35 -2.70
CA ALA A 129 11.96 -14.51 -2.79
C ALA A 129 12.15 -13.16 -3.48
N GLU A 130 13.24 -12.45 -3.18
CA GLU A 130 13.36 -11.01 -3.50
C GLU A 130 14.04 -10.80 -4.85
N ILE A 131 13.25 -10.51 -5.88
CA ILE A 131 13.80 -10.43 -7.24
C ILE A 131 14.59 -9.14 -7.46
N SER A 132 14.32 -8.10 -6.71
CA SER A 132 15.16 -6.90 -6.79
C SER A 132 16.64 -7.26 -6.61
N TYR A 133 16.95 -8.06 -5.59
CA TYR A 133 18.32 -8.52 -5.38
C TYR A 133 18.79 -9.49 -6.44
N PHE A 134 17.93 -10.41 -6.82
CA PHE A 134 18.36 -11.42 -7.76
C PHE A 134 18.70 -10.80 -9.11
N ALA A 135 17.89 -9.85 -9.55
CA ALA A 135 18.12 -9.16 -10.82
C ALA A 135 19.43 -8.38 -10.77
N ARG A 136 19.67 -7.69 -9.66
CA ARG A 136 20.92 -6.94 -9.43
C ARG A 136 22.11 -7.90 -9.59
N PHE A 137 22.03 -9.06 -8.95
CA PHE A 137 23.09 -10.04 -8.98
C PHE A 137 23.30 -10.62 -10.38
N TYR A 138 22.22 -11.08 -10.98
CA TYR A 138 22.26 -11.80 -12.25
C TYR A 138 22.87 -10.93 -13.35
N HIS A 139 22.48 -9.66 -13.39
CA HIS A 139 22.97 -8.77 -14.43
C HIS A 139 24.46 -8.47 -14.30
N ASP A 140 25.01 -8.67 -13.11
CA ASP A 140 26.44 -8.48 -12.89
C ASP A 140 27.26 -9.75 -13.16
N LEU A 141 26.60 -10.87 -13.39
CA LEU A 141 27.28 -12.13 -13.66
C LEU A 141 27.82 -12.21 -15.07
N GLY A 142 28.98 -12.85 -15.20
CA GLY A 142 29.50 -13.23 -16.51
C GLY A 142 28.60 -14.28 -17.13
N GLU A 143 28.68 -14.42 -18.45
CA GLU A 143 27.82 -15.34 -19.19
C GLU A 143 27.94 -16.79 -18.73
N ASN A 144 29.15 -17.23 -18.41
CA ASN A 144 29.36 -18.59 -17.90
C ASN A 144 28.54 -18.85 -16.64
N LYS A 145 28.56 -17.89 -15.72
CA LYS A 145 27.80 -18.00 -14.47
C LYS A 145 26.29 -17.83 -14.67
N LYS A 146 25.89 -16.94 -15.58
N LYS A 146 25.89 -16.94 -15.58
CA LYS A 146 24.47 -16.81 -15.97
CA LYS A 146 24.48 -16.82 -15.96
C LYS A 146 23.92 -18.17 -16.39
C LYS A 146 23.92 -18.17 -16.39
N LEU A 147 24.66 -18.89 -17.23
CA LEU A 147 24.25 -20.20 -17.72
C LEU A 147 24.17 -21.24 -16.60
N GLN A 148 25.16 -21.23 -15.71
CA GLN A 148 25.12 -22.11 -14.54
C GLN A 148 23.89 -21.82 -13.68
N MET A 149 23.58 -20.53 -13.51
CA MET A 149 22.42 -20.11 -12.72
C MET A 149 21.13 -20.60 -13.36
N LYS A 150 20.99 -20.41 -14.68
CA LYS A 150 19.81 -20.89 -15.38
C LYS A 150 19.65 -22.40 -15.24
N SER A 151 20.77 -23.12 -15.18
CA SER A 151 20.73 -24.58 -15.07
CA SER A 151 20.74 -24.59 -15.07
C SER A 151 20.21 -25.07 -13.72
N ILE A 152 20.65 -24.43 -12.64
CA ILE A 152 20.18 -24.83 -11.30
C ILE A 152 18.73 -24.40 -11.05
N VAL A 153 18.25 -23.40 -11.78
CA VAL A 153 16.82 -23.05 -11.76
C VAL A 153 16.01 -24.06 -12.58
N LYS A 154 16.48 -24.34 -13.79
CA LYS A 154 15.79 -25.28 -14.67
C LYS A 154 15.69 -26.69 -14.06
N ASN A 155 16.72 -27.11 -13.33
CA ASN A 155 16.74 -28.44 -12.72
C ASN A 155 16.04 -28.51 -11.35
N GLY A 156 15.54 -27.37 -10.88
CA GLY A 156 14.72 -27.32 -9.68
C GLY A 156 15.46 -27.24 -8.37
N GLN A 157 16.77 -26.98 -8.41
CA GLN A 157 17.54 -26.83 -7.18
C GLN A 157 17.30 -25.48 -6.52
N LEU A 158 17.35 -24.42 -7.33
CA LEU A 158 16.99 -23.09 -6.86
CA LEU A 158 17.00 -23.08 -6.88
C LEU A 158 15.60 -22.77 -7.36
N GLU A 159 14.71 -22.46 -6.43
CA GLU A 159 13.33 -22.19 -6.77
C GLU A 159 12.92 -20.80 -6.30
N PHE A 160 12.29 -20.05 -7.19
CA PHE A 160 11.80 -18.74 -6.82
C PHE A 160 10.44 -18.90 -6.20
N VAL A 161 10.24 -18.21 -5.09
CA VAL A 161 8.98 -18.24 -4.39
C VAL A 161 8.42 -16.82 -4.43
N THR A 162 7.14 -16.72 -4.75
CA THR A 162 6.43 -15.47 -5.08
C THR A 162 6.96 -14.82 -6.35
N GLY A 163 8.22 -14.41 -6.31
CA GLY A 163 8.83 -13.80 -7.48
C GLY A 163 8.52 -12.33 -7.64
N GLY A 164 8.07 -11.69 -6.56
CA GLY A 164 7.94 -10.23 -6.60
C GLY A 164 9.26 -9.51 -6.45
N TRP A 165 9.27 -8.23 -6.82
CA TRP A 165 10.45 -7.42 -6.62
C TRP A 165 10.89 -7.46 -5.16
N VAL A 166 9.89 -7.48 -4.27
CA VAL A 166 10.10 -7.53 -2.83
C VAL A 166 9.10 -8.50 -2.20
N MET A 167 9.19 -8.65 -0.89
CA MET A 167 8.17 -9.29 -0.08
C MET A 167 7.42 -8.15 0.59
N PRO A 168 6.27 -7.76 0.03
CA PRO A 168 5.70 -6.49 0.44
C PRO A 168 5.01 -6.47 1.80
N ASP A 169 4.96 -5.29 2.40
CA ASP A 169 3.99 -5.02 3.46
C ASP A 169 2.60 -5.31 2.93
N GLU A 170 1.74 -5.78 3.81
CA GLU A 170 0.35 -6.09 3.44
C GLU A 170 -0.65 -5.15 4.10
N ALA A 171 -0.20 -4.27 4.99
CA ALA A 171 -1.12 -3.39 5.72
C ALA A 171 -1.31 -2.04 5.04
N ASN A 172 -0.19 -1.43 4.66
CA ASN A 172 -0.19 -0.05 4.19
C ASN A 172 -0.21 0.02 2.69
N SER A 173 0.21 -1.05 2.04
CA SER A 173 0.37 -1.07 0.59
C SER A 173 -0.96 -1.00 -0.13
N HIS A 174 -1.00 -0.24 -1.22
CA HIS A 174 -2.16 -0.26 -2.07
C HIS A 174 -2.10 -1.49 -2.99
N TRP A 175 -3.25 -2.09 -3.27
CA TRP A 175 -3.27 -3.30 -4.10
C TRP A 175 -2.63 -3.06 -5.44
N ARG A 176 -2.76 -1.83 -5.96
CA ARG A 176 -2.18 -1.52 -7.27
C ARG A 176 -0.65 -1.65 -7.22
N ASN A 177 -0.05 -1.30 -6.09
CA ASN A 177 1.39 -1.38 -5.96
C ASN A 177 1.87 -2.77 -5.59
N VAL A 178 1.02 -3.53 -4.90
CA VAL A 178 1.32 -4.94 -4.67
C VAL A 178 1.38 -5.65 -6.04
N LEU A 179 0.42 -5.36 -6.90
CA LEU A 179 0.41 -5.94 -8.22
C LEU A 179 1.61 -5.44 -9.02
N LEU A 180 1.92 -4.15 -8.92
CA LEU A 180 3.04 -3.59 -9.66
C LEU A 180 4.34 -4.32 -9.34
N GLN A 181 4.61 -4.51 -8.06
CA GLN A 181 5.88 -5.12 -7.68
C GLN A 181 5.93 -6.61 -8.02
N LEU A 182 4.78 -7.27 -7.91
CA LEU A 182 4.67 -8.65 -8.32
C LEU A 182 4.99 -8.77 -9.81
N THR A 183 4.41 -7.88 -10.59
CA THR A 183 4.60 -7.89 -12.04
C THR A 183 6.04 -7.59 -12.40
N GLU A 184 6.67 -6.68 -11.67
CA GLU A 184 8.05 -6.32 -11.96
C GLU A 184 8.96 -7.52 -11.77
N GLY A 185 8.83 -8.20 -10.65
CA GLY A 185 9.65 -9.38 -10.40
C GLY A 185 9.35 -10.52 -11.35
N GLN A 186 8.07 -10.80 -11.59
CA GLN A 186 7.72 -11.96 -12.39
C GLN A 186 8.03 -11.73 -13.86
N THR A 187 7.91 -10.50 -14.33
CA THR A 187 8.26 -10.20 -15.72
C THR A 187 9.75 -10.42 -15.93
N TRP A 188 10.56 -10.00 -14.97
CA TRP A 188 11.99 -10.26 -14.99
C TRP A 188 12.26 -11.77 -15.01
N LEU A 189 11.60 -12.51 -14.12
CA LEU A 189 11.83 -13.97 -14.05
C LEU A 189 11.44 -14.66 -15.32
N LYS A 190 10.35 -14.26 -15.93
CA LYS A 190 9.93 -14.91 -17.18
C LYS A 190 10.98 -14.67 -18.26
N GLN A 191 11.45 -13.43 -18.36
CA GLN A 191 12.39 -13.07 -19.42
C GLN A 191 13.73 -13.76 -19.25
N PHE A 192 14.29 -13.73 -18.05
CA PHE A 192 15.66 -14.19 -17.83
C PHE A 192 15.81 -15.62 -17.31
N MET A 193 14.83 -16.08 -16.53
CA MET A 193 14.90 -17.41 -15.92
C MET A 193 13.90 -18.38 -16.50
N ASN A 194 12.99 -17.89 -17.35
CA ASN A 194 11.94 -18.73 -17.95
C ASN A 194 11.09 -19.49 -16.92
N VAL A 195 10.71 -18.83 -15.84
CA VAL A 195 9.88 -19.45 -14.82
C VAL A 195 8.90 -18.43 -14.27
N THR A 196 7.74 -18.92 -13.84
CA THR A 196 6.74 -18.11 -13.16
C THR A 196 6.28 -18.86 -11.92
N PRO A 197 6.68 -18.39 -10.73
CA PRO A 197 6.29 -19.03 -9.49
C PRO A 197 4.79 -19.13 -9.33
N THR A 198 4.33 -20.24 -8.77
CA THR A 198 2.92 -20.43 -8.46
C THR A 198 2.71 -20.67 -6.96
N ALA A 199 3.79 -20.58 -6.19
CA ALA A 199 3.71 -20.65 -4.73
C ALA A 199 4.31 -19.38 -4.18
N SER A 200 3.65 -18.80 -3.19
CA SER A 200 4.09 -17.58 -2.56
C SER A 200 4.62 -17.86 -1.15
N TRP A 201 5.61 -17.08 -0.76
CA TRP A 201 6.31 -17.20 0.54
C TRP A 201 6.31 -15.82 1.17
N ALA A 202 5.53 -15.65 2.24
CA ALA A 202 5.45 -14.35 2.95
C ALA A 202 5.69 -14.57 4.43
N ILE A 203 6.96 -14.72 4.78
CA ILE A 203 7.31 -15.05 6.15
C ILE A 203 7.44 -13.85 7.08
N ALA A 204 7.51 -12.65 6.50
CA ALA A 204 7.91 -11.47 7.27
C ALA A 204 6.94 -10.28 7.44
N PRO A 205 5.95 -10.07 6.53
CA PRO A 205 5.09 -8.87 6.75
C PRO A 205 4.35 -8.93 8.09
N PHE A 206 4.03 -7.77 8.64
CA PHE A 206 3.59 -7.73 10.04
C PHE A 206 2.07 -7.86 10.13
N GLY A 207 1.60 -9.08 9.94
CA GLY A 207 0.20 -9.34 9.70
C GLY A 207 -0.05 -9.52 8.21
N HIS A 208 -1.18 -10.15 7.87
CA HIS A 208 -1.44 -10.57 6.50
C HIS A 208 -2.84 -10.19 6.03
N SER A 209 -2.94 -9.82 4.75
CA SER A 209 -4.16 -9.33 4.15
C SER A 209 -4.69 -10.30 3.10
N PRO A 210 -6.02 -10.45 3.02
CA PRO A 210 -6.62 -11.28 1.95
C PRO A 210 -6.45 -10.66 0.56
N THR A 211 -5.97 -9.42 0.48
CA THR A 211 -5.63 -8.86 -0.83
C THR A 211 -4.56 -9.68 -1.51
N MET A 212 -3.67 -10.28 -0.73
CA MET A 212 -2.63 -11.11 -1.31
C MET A 212 -3.18 -12.33 -2.08
N PRO A 213 -3.93 -13.22 -1.42
CA PRO A 213 -4.50 -14.32 -2.22
C PRO A 213 -5.39 -13.82 -3.36
N TYR A 214 -6.06 -12.68 -3.19
CA TYR A 214 -6.88 -12.12 -4.27
C TYR A 214 -6.04 -11.91 -5.52
N ILE A 215 -4.93 -11.18 -5.37
CA ILE A 215 -4.06 -10.88 -6.50
C ILE A 215 -3.34 -12.14 -6.99
N LEU A 216 -2.83 -12.93 -6.06
CA LEU A 216 -2.08 -14.13 -6.43
C LEU A 216 -2.91 -15.13 -7.19
N GLN A 217 -4.14 -15.37 -6.74
CA GLN A 217 -5.01 -16.34 -7.42
C GLN A 217 -5.34 -15.88 -8.84
N LYS A 218 -5.37 -14.57 -9.07
CA LYS A 218 -5.64 -14.01 -10.39
C LYS A 218 -4.36 -13.84 -11.20
N SER A 219 -3.24 -14.28 -10.64
CA SER A 219 -1.93 -14.21 -11.29
C SER A 219 -1.31 -15.60 -11.41
N GLY A 220 -2.14 -16.63 -11.43
CA GLY A 220 -1.70 -17.99 -11.69
C GLY A 220 -1.28 -18.81 -10.48
N PHE A 221 -1.30 -18.21 -9.29
CA PHE A 221 -0.83 -18.95 -8.11
C PHE A 221 -1.78 -20.04 -7.67
N LYS A 222 -1.19 -21.06 -7.07
CA LYS A 222 -1.98 -22.16 -6.54
CA LYS A 222 -1.92 -22.21 -6.55
C LYS A 222 -1.78 -22.36 -5.04
N ASN A 223 -0.75 -21.75 -4.46
CA ASN A 223 -0.47 -21.94 -3.04
C ASN A 223 0.21 -20.73 -2.45
N MET A 224 0.01 -20.52 -1.16
CA MET A 224 0.76 -19.47 -0.47
C MET A 224 1.06 -19.85 0.96
N LEU A 225 2.09 -19.22 1.52
CA LEU A 225 2.50 -19.46 2.88
C LEU A 225 2.59 -18.12 3.61
N ILE A 226 2.09 -18.10 4.84
CA ILE A 226 2.16 -16.92 5.71
C ILE A 226 2.71 -17.32 7.07
N GLN A 227 3.14 -16.34 7.86
CA GLN A 227 3.77 -16.60 9.16
C GLN A 227 3.37 -15.65 10.27
N ARG A 228 3.32 -14.34 10.02
CA ARG A 228 3.13 -13.40 11.12
CA ARG A 228 3.13 -13.41 11.12
C ARG A 228 1.67 -13.14 11.41
N THR A 229 1.10 -14.04 12.20
CA THR A 229 -0.25 -13.91 12.68
C THR A 229 -0.17 -13.95 14.20
N HIS A 230 -1.20 -13.39 14.80
CA HIS A 230 -1.29 -13.26 16.25
C HIS A 230 -1.07 -14.62 16.90
N TYR A 231 -0.25 -14.66 17.95
CA TYR A 231 0.01 -15.93 18.64
C TYR A 231 -1.25 -16.66 19.11
N SER A 232 -2.29 -15.92 19.46
CA SER A 232 -3.54 -16.56 19.90
C SER A 232 -4.25 -17.24 18.73
N VAL A 233 -4.13 -16.64 17.54
CA VAL A 233 -4.70 -17.22 16.32
C VAL A 233 -3.96 -18.51 15.95
N LYS A 234 -2.64 -18.49 16.01
CA LYS A 234 -1.85 -19.70 15.77
C LYS A 234 -2.30 -20.82 16.70
N LYS A 235 -2.45 -20.52 17.98
CA LYS A 235 -2.87 -21.54 18.95
C LYS A 235 -4.25 -22.10 18.62
N GLU A 236 -5.20 -21.21 18.36
CA GLU A 236 -6.58 -21.60 18.07
C GLU A 236 -6.64 -22.47 16.81
N LEU A 237 -6.00 -22.03 15.74
CA LEU A 237 -6.03 -22.80 14.50
C LEU A 237 -5.24 -24.11 14.63
N ALA A 238 -4.13 -24.08 15.35
CA ALA A 238 -3.34 -25.30 15.54
C ALA A 238 -4.16 -26.37 16.25
N GLN A 239 -4.91 -25.97 17.28
CA GLN A 239 -5.74 -26.90 18.06
C GLN A 239 -6.77 -27.61 17.19
N GLN A 240 -7.20 -26.95 16.11
CA GLN A 240 -8.22 -27.48 15.23
C GLN A 240 -7.65 -28.01 13.92
N ARG A 241 -6.31 -28.06 13.83
CA ARG A 241 -5.63 -28.37 12.57
C ARG A 241 -6.20 -27.58 11.41
N GLN A 242 -6.32 -26.27 11.63
CA GLN A 242 -6.81 -25.35 10.62
C GLN A 242 -5.74 -24.35 10.18
N LEU A 243 -4.48 -24.76 10.27
CA LEU A 243 -3.36 -23.92 9.84
C LEU A 243 -3.18 -23.96 8.33
N GLU A 244 -3.75 -24.97 7.67
CA GLU A 244 -3.82 -24.98 6.22
C GLU A 244 -5.28 -24.86 5.84
N PHE A 245 -5.57 -23.91 4.96
CA PHE A 245 -6.96 -23.58 4.65
C PHE A 245 -7.07 -23.02 3.26
N LEU A 246 -8.27 -23.05 2.72
CA LEU A 246 -8.58 -22.43 1.44
C LEU A 246 -9.09 -21.03 1.74
N TRP A 247 -8.23 -20.06 1.49
CA TRP A 247 -8.50 -18.68 1.88
C TRP A 247 -9.24 -18.00 0.76
N ARG A 248 -10.52 -17.70 1.02
CA ARG A 248 -11.35 -16.99 0.05
C ARG A 248 -11.64 -15.58 0.53
N GLN A 249 -12.10 -14.73 -0.39
CA GLN A 249 -12.47 -13.36 -0.04
C GLN A 249 -13.74 -13.33 0.79
N ILE A 250 -13.86 -12.31 1.63
CA ILE A 250 -14.95 -12.25 2.59
C ILE A 250 -16.35 -12.23 1.96
N TRP A 251 -16.44 -11.80 0.71
CA TRP A 251 -17.73 -11.71 0.02
C TRP A 251 -18.01 -12.88 -0.92
N ASP A 252 -17.06 -13.80 -1.02
CA ASP A 252 -17.10 -14.83 -2.05
C ASP A 252 -17.93 -16.03 -1.61
N ASN A 253 -19.16 -16.11 -2.11
CA ASN A 253 -20.04 -17.18 -1.68
C ASN A 253 -19.70 -18.53 -2.32
N LYS A 254 -19.27 -18.48 -3.58
CA LYS A 254 -19.00 -19.70 -4.35
C LYS A 254 -17.65 -20.31 -4.01
N GLY A 255 -16.66 -19.45 -3.80
CA GLY A 255 -15.31 -19.92 -3.46
C GLY A 255 -14.30 -19.87 -4.60
N ASP A 256 -14.64 -19.21 -5.70
CA ASP A 256 -13.74 -19.16 -6.86
C ASP A 256 -12.47 -18.35 -6.61
N THR A 257 -12.48 -17.52 -5.57
CA THR A 257 -11.28 -16.75 -5.20
C THR A 257 -10.30 -17.54 -4.33
N ALA A 258 -10.71 -18.72 -3.89
CA ALA A 258 -9.95 -19.48 -2.87
C ALA A 258 -8.53 -19.82 -3.30
N LEU A 259 -7.62 -19.64 -2.35
CA LEU A 259 -6.23 -20.00 -2.56
C LEU A 259 -5.73 -20.80 -1.37
N PHE A 260 -5.15 -21.97 -1.64
CA PHE A 260 -4.62 -22.79 -0.56
C PHE A 260 -3.51 -22.05 0.18
N THR A 261 -3.65 -21.98 1.50
CA THR A 261 -2.75 -21.20 2.33
C THR A 261 -2.23 -22.06 3.47
N HIS A 262 -0.91 -22.00 3.68
CA HIS A 262 -0.26 -22.63 4.83
C HIS A 262 0.20 -21.55 5.80
N MET A 263 -0.32 -21.58 7.02
CA MET A 263 0.16 -20.71 8.09
C MET A 263 1.15 -21.50 8.94
N MET A 264 2.35 -20.95 9.12
CA MET A 264 3.35 -21.56 10.00
C MET A 264 2.90 -21.38 11.44
N PRO A 265 3.23 -22.34 12.32
CA PRO A 265 2.58 -22.39 13.63
C PRO A 265 3.26 -21.66 14.79
N PHE A 266 4.55 -21.35 14.64
CA PHE A 266 5.35 -20.89 15.76
C PHE A 266 5.72 -19.41 15.71
N TYR A 267 6.50 -18.96 16.68
CA TYR A 267 6.72 -17.57 16.94
C TYR A 267 7.56 -16.86 15.87
N SER A 268 8.43 -17.59 15.19
CA SER A 268 9.34 -16.98 14.23
C SER A 268 9.59 -17.92 13.06
N TYR A 269 10.18 -17.39 12.00
CA TYR A 269 10.63 -18.20 10.88
C TYR A 269 12.08 -18.67 11.00
N ASP A 270 12.73 -18.32 12.12
CA ASP A 270 14.11 -18.74 12.32
C ASP A 270 14.19 -20.22 12.66
N ILE A 271 15.39 -20.79 12.63
CA ILE A 271 15.53 -22.23 12.79
C ILE A 271 15.02 -22.74 14.17
N PRO A 272 15.33 -22.02 15.27
CA PRO A 272 14.76 -22.43 16.55
C PRO A 272 13.23 -22.55 16.58
N HIS A 273 12.52 -21.85 15.70
CA HIS A 273 11.06 -21.89 15.71
C HIS A 273 10.45 -22.53 14.47
N THR A 274 11.24 -23.33 13.77
CA THR A 274 10.71 -23.99 12.59
C THR A 274 10.89 -25.51 12.58
N CYS A 275 11.69 -26.08 13.49
CA CYS A 275 11.84 -27.55 13.47
C CYS A 275 10.74 -28.27 14.25
N GLY A 276 10.12 -27.55 15.18
CA GLY A 276 9.18 -28.16 16.12
C GLY A 276 8.91 -27.17 17.22
N PRO A 277 8.11 -27.58 18.22
CA PRO A 277 7.65 -26.68 19.28
C PRO A 277 8.65 -26.23 20.33
N ASP A 278 9.81 -26.90 20.42
CA ASP A 278 10.76 -26.59 21.48
C ASP A 278 12.01 -25.92 20.92
N PRO A 279 12.13 -24.59 21.08
CA PRO A 279 13.28 -23.92 20.48
C PRO A 279 14.61 -24.29 21.10
N LYS A 280 14.62 -24.72 22.35
CA LYS A 280 15.86 -25.19 22.97
C LYS A 280 16.41 -26.39 22.21
N VAL A 281 15.53 -27.23 21.68
CA VAL A 281 15.94 -28.36 20.86
C VAL A 281 16.26 -27.94 19.41
N CYS A 282 15.35 -27.20 18.78
CA CYS A 282 15.55 -26.79 17.39
C CYS A 282 16.80 -25.96 17.21
N CYS A 283 17.15 -25.15 18.21
CA CYS A 283 18.34 -24.35 18.10
C CYS A 283 19.62 -25.18 17.92
N GLN A 284 19.59 -26.41 18.44
CA GLN A 284 20.71 -27.34 18.29
C GLN A 284 20.86 -27.86 16.89
N PHE A 285 19.90 -27.54 16.02
CA PHE A 285 19.95 -27.97 14.63
C PHE A 285 20.12 -26.81 13.67
N ASP A 286 20.55 -25.69 14.25
CA ASP A 286 21.05 -24.56 13.46
C ASP A 286 22.56 -24.58 13.58
N PHE A 287 23.23 -25.19 12.61
CA PHE A 287 24.65 -25.48 12.75
C PHE A 287 25.53 -24.26 12.59
N LYS A 288 24.93 -23.11 12.30
CA LYS A 288 25.67 -21.85 12.31
C LYS A 288 25.91 -21.32 13.73
N ARG A 289 25.31 -21.94 14.75
CA ARG A 289 25.38 -21.41 16.12
C ARG A 289 26.40 -22.07 17.08
N MET A 290 27.48 -22.63 16.55
CA MET A 290 28.46 -23.30 17.42
C MET A 290 29.60 -22.41 17.96
N GLY A 291 29.76 -21.20 17.40
CA GLY A 291 30.68 -20.21 17.97
C GLY A 291 31.50 -19.36 17.00
N SER A 292 32.09 -20.01 15.99
CA SER A 292 32.99 -19.34 15.05
C SER A 292 32.29 -18.30 14.15
N PHE A 293 30.97 -18.41 14.03
CA PHE A 293 30.17 -17.44 13.26
C PHE A 293 29.64 -16.29 14.12
N GLY A 294 30.02 -16.29 15.39
CA GLY A 294 29.57 -15.24 16.29
C GLY A 294 28.11 -15.33 16.68
N LEU A 295 27.57 -16.54 16.59
CA LEU A 295 26.19 -16.80 16.99
C LEU A 295 26.17 -17.86 18.07
N SER A 296 25.11 -17.86 18.87
CA SER A 296 24.93 -18.84 19.92
C SER A 296 23.44 -19.11 20.11
N CYS A 297 23.12 -20.09 20.97
CA CYS A 297 21.74 -20.44 21.28
C CYS A 297 21.31 -19.81 22.60
N PRO A 298 20.30 -18.91 22.57
CA PRO A 298 19.74 -18.27 23.77
C PRO A 298 19.34 -19.26 24.86
N TRP A 299 18.98 -20.48 24.45
CA TRP A 299 18.50 -21.52 25.39
C TRP A 299 19.65 -22.33 26.00
N LYS A 300 20.88 -21.97 25.64
CA LYS A 300 22.10 -22.41 26.34
C LYS A 300 22.57 -23.82 26.05
N VAL A 301 21.93 -24.49 25.10
CA VAL A 301 22.43 -25.77 24.60
C VAL A 301 22.87 -25.57 23.15
N PRO A 302 24.18 -25.65 22.90
CA PRO A 302 24.68 -25.39 21.57
C PRO A 302 24.44 -26.55 20.60
N PRO A 303 24.49 -26.28 19.30
CA PRO A 303 24.47 -27.39 18.35
C PRO A 303 25.76 -28.17 18.49
N ARG A 304 25.70 -29.46 18.18
CA ARG A 304 26.90 -30.27 18.10
CA ARG A 304 26.88 -30.32 18.13
C ARG A 304 26.97 -30.96 16.76
N THR A 305 28.18 -31.02 16.22
CA THR A 305 28.45 -31.66 14.93
C THR A 305 27.92 -33.09 14.95
N ILE A 306 27.21 -33.46 13.90
CA ILE A 306 26.65 -34.80 13.82
C ILE A 306 27.78 -35.77 13.48
N SER A 307 27.86 -36.86 14.26
CA SER A 307 28.86 -37.90 14.09
C SER A 307 28.17 -39.26 14.13
N ASP A 308 28.90 -40.31 13.77
CA ASP A 308 28.38 -41.66 13.92
C ASP A 308 27.96 -42.03 15.35
N GLN A 309 28.64 -41.47 16.35
CA GLN A 309 28.34 -41.81 17.75
C GLN A 309 27.24 -40.97 18.40
N ASN A 310 26.82 -39.90 17.73
CA ASN A 310 25.71 -39.14 18.26
C ASN A 310 24.48 -39.11 17.35
N VAL A 311 24.61 -39.60 16.12
CA VAL A 311 23.53 -39.42 15.13
C VAL A 311 22.23 -40.07 15.57
N ALA A 312 22.29 -41.23 16.20
CA ALA A 312 21.06 -41.89 16.67
C ALA A 312 20.33 -41.03 17.68
N ALA A 313 21.07 -40.49 18.65
CA ALA A 313 20.51 -39.65 19.69
C ALA A 313 19.99 -38.32 19.13
N ARG A 314 20.79 -37.70 18.27
CA ARG A 314 20.43 -36.44 17.61
C ARG A 314 19.18 -36.62 16.75
N SER A 315 19.14 -37.70 15.98
CA SER A 315 17.98 -38.01 15.13
C SER A 315 16.73 -38.26 15.93
N ASP A 316 16.86 -38.97 17.05
CA ASP A 316 15.74 -39.19 17.94
C ASP A 316 15.10 -37.88 18.39
N LEU A 317 15.94 -36.93 18.84
CA LEU A 317 15.47 -35.62 19.28
C LEU A 317 14.80 -34.85 18.15
N LEU A 318 15.40 -34.88 16.97
CA LEU A 318 14.91 -34.09 15.85
C LEU A 318 13.61 -34.66 15.32
N VAL A 319 13.55 -35.97 15.11
CA VAL A 319 12.33 -36.60 14.60
C VAL A 319 11.17 -36.38 15.57
N ASP A 320 11.46 -36.41 16.86
CA ASP A 320 10.45 -36.11 17.88
C ASP A 320 9.86 -34.72 17.70
N GLN A 321 10.71 -33.72 17.46
CA GLN A 321 10.24 -32.37 17.15
C GLN A 321 9.37 -32.34 15.90
N TRP A 322 9.82 -33.01 14.85
CA TRP A 322 9.08 -33.05 13.60
C TRP A 322 7.72 -33.69 13.78
N LYS A 323 7.67 -34.80 14.54
CA LYS A 323 6.42 -35.50 14.71
C LYS A 323 5.45 -34.69 15.55
N LYS A 324 5.99 -33.88 16.46
CA LYS A 324 5.14 -32.96 17.20
C LYS A 324 4.58 -31.87 16.29
N LYS A 325 5.42 -31.26 15.48
CA LYS A 325 4.96 -30.28 14.51
C LYS A 325 3.91 -30.90 13.59
N ALA A 326 4.12 -32.15 13.17
CA ALA A 326 3.19 -32.80 12.24
C ALA A 326 1.80 -32.97 12.84
N GLU A 327 1.71 -33.02 14.16
CA GLU A 327 0.42 -33.13 14.83
C GLU A 327 -0.51 -31.93 14.59
N LEU A 328 0.08 -30.81 14.15
CA LEU A 328 -0.66 -29.57 13.96
C LEU A 328 -1.28 -29.48 12.57
N TYR A 329 -0.99 -30.46 11.72
CA TYR A 329 -1.42 -30.45 10.31
C TYR A 329 -2.11 -31.75 9.93
N ARG A 330 -2.75 -31.76 8.77
CA ARG A 330 -3.65 -32.86 8.41
C ARG A 330 -3.06 -33.94 7.51
N THR A 331 -1.95 -33.66 6.83
CA THR A 331 -1.36 -34.66 5.94
C THR A 331 -0.09 -35.26 6.56
N ASN A 332 0.49 -36.25 5.87
CA ASN A 332 1.75 -36.84 6.27
C ASN A 332 2.94 -36.21 5.56
N VAL A 333 2.77 -34.96 5.12
CA VAL A 333 3.83 -34.19 4.45
C VAL A 333 4.13 -32.99 5.31
N LEU A 334 5.38 -32.83 5.74
CA LEU A 334 5.76 -31.81 6.71
C LEU A 334 6.75 -30.81 6.13
N LEU A 335 6.46 -29.52 6.32
CA LEU A 335 7.34 -28.43 5.88
C LEU A 335 8.26 -27.99 7.03
N ILE A 336 9.56 -28.05 6.81
CA ILE A 336 10.54 -27.58 7.78
C ILE A 336 11.42 -26.53 7.08
N PRO A 337 11.06 -25.25 7.22
CA PRO A 337 11.98 -24.22 6.72
C PRO A 337 13.32 -24.25 7.46
N LEU A 338 14.41 -23.95 6.74
CA LEU A 338 15.75 -23.94 7.33
C LEU A 338 16.46 -22.67 6.91
N GLY A 339 16.29 -21.62 7.69
CA GLY A 339 16.91 -20.35 7.32
C GLY A 339 16.63 -19.27 8.32
N ASP A 340 17.12 -18.07 8.00
CA ASP A 340 16.98 -16.90 8.84
C ASP A 340 17.48 -15.72 8.00
N ASP A 341 17.58 -14.56 8.62
CA ASP A 341 17.94 -13.33 7.91
C ASP A 341 19.36 -13.40 7.38
N PHE A 342 19.49 -13.12 6.08
CA PHE A 342 20.80 -13.06 5.43
C PHE A 342 21.68 -14.28 5.72
N ARG A 343 21.04 -15.44 5.77
CA ARG A 343 21.77 -16.69 5.94
C ARG A 343 22.34 -17.20 4.64
N PHE A 344 23.16 -18.24 4.77
CA PHE A 344 23.84 -18.86 3.63
C PHE A 344 24.76 -17.93 2.88
N LYS A 345 25.52 -17.15 3.66
CA LYS A 345 26.45 -16.14 3.13
C LYS A 345 27.87 -16.66 2.90
N GLN A 346 28.36 -17.47 3.84
CA GLN A 346 29.73 -17.98 3.76
C GLN A 346 29.73 -19.42 3.31
N ASN A 347 30.79 -19.79 2.60
CA ASN A 347 30.96 -21.17 2.14
C ASN A 347 30.92 -22.15 3.29
N THR A 348 31.58 -21.78 4.39
CA THR A 348 31.64 -22.61 5.59
C THR A 348 30.26 -22.84 6.17
N GLU A 349 29.37 -21.85 6.02
CA GLU A 349 28.00 -21.98 6.50
C GLU A 349 27.19 -22.96 5.65
N TRP A 350 27.32 -22.85 4.33
CA TRP A 350 26.71 -23.84 3.45
C TRP A 350 27.13 -25.25 3.84
N ASP A 351 28.42 -25.43 4.06
CA ASP A 351 28.98 -26.74 4.41
C ASP A 351 28.43 -27.24 5.73
N VAL A 352 28.43 -26.39 6.74
CA VAL A 352 28.07 -26.83 8.09
C VAL A 352 26.60 -27.24 8.14
N GLN A 353 25.73 -26.50 7.44
CA GLN A 353 24.33 -26.87 7.43
C GLN A 353 24.10 -28.13 6.58
N ARG A 354 24.63 -28.13 5.36
CA ARG A 354 24.37 -29.26 4.46
C ARG A 354 24.92 -30.58 4.99
N VAL A 355 26.17 -30.61 5.43
CA VAL A 355 26.80 -31.88 5.79
C VAL A 355 26.13 -32.48 7.02
N ASN A 356 25.78 -31.64 7.99
CA ASN A 356 25.13 -32.13 9.19
C ASN A 356 23.71 -32.65 8.91
N TYR A 357 22.94 -31.93 8.10
CA TYR A 357 21.62 -32.42 7.70
C TYR A 357 21.69 -33.67 6.85
N GLU A 358 22.67 -33.74 5.95
CA GLU A 358 22.85 -34.96 5.16
C GLU A 358 23.08 -36.18 6.06
N ARG A 359 23.87 -36.03 7.12
CA ARG A 359 24.11 -37.15 8.04
C ARG A 359 22.85 -37.56 8.79
N LEU A 360 22.07 -36.57 9.20
CA LEU A 360 20.78 -36.84 9.81
C LEU A 360 19.83 -37.57 8.87
N PHE A 361 19.72 -37.11 7.62
CA PHE A 361 18.84 -37.74 6.63
C PHE A 361 19.25 -39.17 6.35
N GLU A 362 20.56 -39.40 6.18
CA GLU A 362 21.02 -40.75 5.89
C GLU A 362 20.62 -41.70 7.02
N HIS A 363 20.83 -41.29 8.26
CA HIS A 363 20.45 -42.11 9.39
C HIS A 363 18.93 -42.30 9.50
N ILE A 364 18.19 -41.19 9.53
CA ILE A 364 16.75 -41.23 9.73
C ILE A 364 16.09 -42.08 8.66
N ASN A 365 16.48 -41.88 7.41
CA ASN A 365 15.82 -42.55 6.31
C ASN A 365 16.14 -44.05 6.24
N SER A 366 17.21 -44.45 6.92
CA SER A 366 17.67 -45.85 6.93
CA SER A 366 17.68 -45.85 6.95
C SER A 366 17.13 -46.63 8.13
N GLN A 367 16.58 -45.92 9.10
CA GLN A 367 16.08 -46.54 10.33
C GLN A 367 14.57 -46.64 10.24
N ALA A 368 14.09 -47.84 9.91
CA ALA A 368 12.66 -48.06 9.70
C ALA A 368 11.78 -47.61 10.89
N HIS A 369 12.29 -47.77 12.11
CA HIS A 369 11.51 -47.44 13.30
C HIS A 369 11.02 -45.98 13.34
N PHE A 370 11.72 -45.09 12.64
CA PHE A 370 11.32 -43.69 12.56
C PHE A 370 10.09 -43.52 11.67
N ASN A 371 10.01 -44.32 10.61
CA ASN A 371 8.97 -44.20 9.59
C ASN A 371 8.92 -42.78 9.00
N VAL A 372 10.10 -42.26 8.69
CA VAL A 372 10.26 -40.92 8.14
C VAL A 372 11.10 -40.99 6.87
N GLN A 373 10.73 -40.19 5.87
CA GLN A 373 11.57 -39.95 4.71
C GLN A 373 11.82 -38.45 4.65
N ALA A 374 13.06 -38.03 4.93
CA ALA A 374 13.41 -36.61 5.03
C ALA A 374 14.40 -36.22 3.95
N GLN A 375 14.22 -35.03 3.39
CA GLN A 375 15.08 -34.55 2.31
CA GLN A 375 15.08 -34.55 2.31
C GLN A 375 15.03 -33.04 2.22
N PHE A 376 16.06 -32.47 1.59
CA PHE A 376 15.99 -31.07 1.20
C PHE A 376 14.93 -30.96 0.14
N GLY A 377 14.13 -29.91 0.23
CA GLY A 377 13.10 -29.70 -0.76
C GLY A 377 12.91 -28.22 -1.02
N THR A 378 12.02 -27.95 -1.96
CA THR A 378 11.58 -26.59 -2.22
C THR A 378 10.14 -26.42 -1.75
N LEU A 379 9.68 -25.19 -1.77
CA LEU A 379 8.33 -24.89 -1.36
C LEU A 379 7.29 -25.56 -2.27
N GLN A 380 7.50 -25.48 -3.59
CA GLN A 380 6.59 -26.11 -4.53
C GLN A 380 6.52 -27.63 -4.32
N GLU A 381 7.65 -28.26 -4.01
CA GLU A 381 7.67 -29.69 -3.78
CA GLU A 381 7.71 -29.69 -3.73
C GLU A 381 6.80 -30.04 -2.57
N TYR A 382 6.89 -29.24 -1.51
CA TYR A 382 6.02 -29.42 -0.34
C TYR A 382 4.54 -29.36 -0.75
N PHE A 383 4.16 -28.29 -1.41
CA PHE A 383 2.76 -28.13 -1.76
C PHE A 383 2.27 -29.22 -2.71
N ASP A 384 3.08 -29.59 -3.69
CA ASP A 384 2.70 -30.67 -4.60
C ASP A 384 2.40 -31.96 -3.83
N ALA A 385 3.25 -32.27 -2.86
CA ALA A 385 3.07 -33.46 -2.03
C ALA A 385 1.83 -33.36 -1.14
N VAL A 386 1.56 -32.19 -0.57
CA VAL A 386 0.34 -31.99 0.22
C VAL A 386 -0.91 -32.27 -0.62
N HIS A 387 -0.94 -31.73 -1.82
CA HIS A 387 -2.11 -31.90 -2.66
C HIS A 387 -2.24 -33.33 -3.21
N GLN A 388 -1.12 -34.00 -3.41
CA GLN A 388 -1.15 -35.43 -3.74
C GLN A 388 -1.83 -36.19 -2.61
N ALA A 389 -1.48 -35.87 -1.37
CA ALA A 389 -2.09 -36.50 -0.19
C ALA A 389 -3.59 -36.20 -0.09
N GLU A 390 -3.95 -34.94 -0.35
CA GLU A 390 -5.34 -34.50 -0.41
C GLU A 390 -6.16 -35.32 -1.42
N ARG A 391 -5.60 -35.47 -2.62
CA ARG A 391 -6.28 -36.23 -3.68
C ARG A 391 -6.34 -37.73 -3.38
N ALA A 392 -5.39 -38.22 -2.58
CA ALA A 392 -5.41 -39.61 -2.11
C ALA A 392 -6.50 -39.81 -1.04
N GLY A 393 -7.06 -38.70 -0.57
CA GLY A 393 -8.18 -38.74 0.38
C GLY A 393 -7.79 -38.79 1.84
N GLN A 394 -6.54 -38.45 2.16
CA GLN A 394 -6.13 -38.48 3.57
C GLN A 394 -6.41 -37.17 4.29
N ALA A 395 -6.86 -36.16 3.56
CA ALA A 395 -7.16 -34.85 4.16
C ALA A 395 -8.23 -34.05 3.41
N GLU A 396 -9.01 -33.32 4.20
CA GLU A 396 -9.95 -32.32 3.72
C GLU A 396 -9.50 -31.03 4.37
N PHE A 397 -9.49 -29.93 3.62
CA PHE A 397 -9.05 -28.65 4.19
C PHE A 397 -10.21 -27.72 4.45
N PRO A 398 -10.14 -26.99 5.57
CA PRO A 398 -11.17 -26.01 5.89
C PRO A 398 -11.11 -24.77 5.01
N THR A 399 -12.24 -24.09 4.92
CA THR A 399 -12.33 -22.82 4.21
C THR A 399 -12.22 -21.69 5.24
N LEU A 400 -11.66 -20.56 4.81
CA LEU A 400 -11.45 -19.44 5.70
C LEU A 400 -11.63 -18.14 4.95
N SER A 401 -12.24 -17.16 5.62
CA SER A 401 -12.21 -15.79 5.14
C SER A 401 -11.86 -14.85 6.27
N GLY A 402 -11.36 -13.68 5.91
CA GLY A 402 -10.98 -12.66 6.88
C GLY A 402 -9.55 -12.21 6.69
N ASP A 403 -9.04 -11.42 7.63
CA ASP A 403 -7.66 -10.97 7.55
C ASP A 403 -6.95 -11.36 8.84
N PHE A 404 -5.67 -11.01 8.91
CA PHE A 404 -4.82 -11.32 10.04
C PHE A 404 -4.13 -10.07 10.55
N PHE A 405 -4.94 -9.05 10.80
CA PHE A 405 -4.52 -7.85 11.53
C PHE A 405 -5.37 -7.76 12.78
N THR A 406 -4.89 -7.17 13.88
CA THR A 406 -3.55 -6.64 14.05
C THR A 406 -2.67 -7.68 14.72
N TYR A 407 -1.48 -7.86 14.17
CA TYR A 407 -0.53 -8.83 14.66
C TYR A 407 0.02 -8.47 16.02
N ALA A 408 0.11 -9.47 16.89
CA ALA A 408 0.92 -9.37 18.10
C ALA A 408 1.80 -10.60 18.14
N ASP A 409 3.10 -10.41 18.39
CA ASP A 409 4.01 -11.55 18.46
C ASP A 409 4.13 -12.10 19.88
N ARG A 410 3.81 -11.28 20.88
CA ARG A 410 3.85 -11.72 22.27
C ARG A 410 3.12 -10.71 23.15
N SER A 411 2.59 -11.21 24.27
N SER A 411 2.62 -11.19 24.29
CA SER A 411 1.86 -10.42 25.28
CA SER A 411 2.02 -10.34 25.31
C SER A 411 0.94 -9.36 24.67
C SER A 411 1.00 -9.38 24.71
N ASP A 412 1.13 -8.10 25.06
CA ASP A 412 0.28 -7.02 24.54
C ASP A 412 0.99 -6.22 23.45
N ASN A 413 2.04 -6.81 22.87
CA ASN A 413 2.86 -6.10 21.89
C ASN A 413 2.23 -6.20 20.50
N TYR A 414 1.25 -5.33 20.26
CA TYR A 414 0.54 -5.24 18.99
C TYR A 414 1.27 -4.30 18.06
N TRP A 415 1.42 -4.74 16.81
CA TRP A 415 2.21 -4.04 15.82
C TRP A 415 1.33 -3.08 15.04
N SER A 416 0.72 -2.12 15.73
CA SER A 416 -0.09 -1.14 15.06
C SER A 416 0.62 0.20 14.90
N GLY A 417 1.83 0.32 15.44
CA GLY A 417 2.62 1.55 15.29
C GLY A 417 2.99 1.80 13.84
N TYR A 418 3.37 0.74 13.13
CA TYR A 418 3.87 0.92 11.77
C TYR A 418 2.77 1.27 10.77
N TYR A 419 1.51 1.27 11.22
CA TYR A 419 0.45 1.79 10.37
C TYR A 419 0.62 3.29 10.13
N THR A 420 1.39 3.95 10.99
CA THR A 420 1.58 5.40 10.92
C THR A 420 3.06 5.82 10.76
N SER A 421 4.01 5.01 11.21
CA SER A 421 5.41 5.43 11.25
C SER A 421 5.89 6.01 9.92
N ARG A 422 6.63 7.11 10.00
CA ARG A 422 7.18 7.77 8.80
C ARG A 422 6.06 8.12 7.80
N PRO A 423 5.10 8.92 8.24
CA PRO A 423 3.94 9.20 7.42
C PRO A 423 4.25 10.04 6.18
N TYR A 424 5.35 10.81 6.19
CA TYR A 424 5.72 11.55 4.99
C TYR A 424 5.89 10.58 3.82
N HIS A 425 6.55 9.45 4.08
CA HIS A 425 6.86 8.53 3.00
C HIS A 425 5.66 7.67 2.63
N LYS A 426 4.79 7.42 3.60
CA LYS A 426 3.50 6.79 3.34
C LYS A 426 2.68 7.63 2.36
N ARG A 427 2.68 8.94 2.56
CA ARG A 427 1.99 9.82 1.64
C ARG A 427 2.68 9.85 0.27
N MET A 428 4.01 9.92 0.27
CA MET A 428 4.76 9.91 -0.96
C MET A 428 4.47 8.66 -1.81
N ASP A 429 4.31 7.51 -1.16
CA ASP A 429 3.91 6.27 -1.83
C ASP A 429 2.68 6.48 -2.70
N ARG A 430 1.66 7.12 -2.13
CA ARG A 430 0.41 7.29 -2.85
C ARG A 430 0.55 8.28 -4.00
N VAL A 431 1.36 9.31 -3.81
CA VAL A 431 1.63 10.26 -4.89
C VAL A 431 2.33 9.53 -6.04
N LEU A 432 3.39 8.79 -5.72
CA LEU A 432 4.12 8.09 -6.76
C LEU A 432 3.26 7.01 -7.43
N MET A 433 2.40 6.34 -6.66
CA MET A 433 1.46 5.37 -7.23
C MET A 433 0.70 5.98 -8.40
N HIS A 434 0.18 7.19 -8.17
CA HIS A 434 -0.61 7.84 -9.18
C HIS A 434 0.26 8.29 -10.37
N TYR A 435 1.42 8.87 -10.09
CA TYR A 435 2.31 9.32 -11.15
C TYR A 435 2.77 8.14 -12.03
N VAL A 436 3.01 6.97 -11.45
CA VAL A 436 3.38 5.81 -12.26
C VAL A 436 2.21 5.43 -13.19
N ARG A 437 1.01 5.35 -12.64
CA ARG A 437 -0.15 5.03 -13.44
C ARG A 437 -0.31 6.05 -14.58
N ALA A 438 -0.23 7.33 -14.25
CA ALA A 438 -0.43 8.38 -15.24
C ALA A 438 0.66 8.36 -16.33
N ALA A 439 1.90 8.15 -15.93
CA ALA A 439 3.01 8.11 -16.88
C ALA A 439 2.87 6.91 -17.82
N GLU A 440 2.53 5.75 -17.27
CA GLU A 440 2.37 4.56 -18.10
C GLU A 440 1.18 4.71 -19.04
N MET A 441 0.08 5.28 -18.56
CA MET A 441 -1.10 5.47 -19.40
C MET A 441 -0.84 6.50 -20.50
N LEU A 442 -0.33 7.67 -20.14
CA LEU A 442 -0.13 8.74 -21.12
C LEU A 442 0.82 8.32 -22.22
N SER A 443 1.86 7.56 -21.88
CA SER A 443 2.83 7.18 -22.86
C SER A 443 2.42 5.94 -23.64
N ALA A 444 1.40 5.21 -23.17
CA ALA A 444 0.95 3.99 -23.83
C ALA A 444 0.28 4.24 -25.17
N TRP A 445 -0.28 5.44 -25.34
CA TRP A 445 -1.01 5.77 -26.58
C TRP A 445 -0.15 5.72 -27.83
N HIS A 446 1.15 5.94 -27.68
CA HIS A 446 2.06 5.89 -28.81
C HIS A 446 3.15 4.87 -28.60
N SER A 447 3.75 4.49 -29.71
CA SER A 447 5.02 3.81 -29.73
CA SER A 447 5.04 3.82 -29.69
C SER A 447 6.12 4.89 -29.70
N TRP A 448 7.17 4.68 -28.93
CA TRP A 448 8.23 5.68 -28.82
C TRP A 448 9.55 5.16 -29.30
N ASP A 449 10.29 6.03 -29.98
CA ASP A 449 11.65 5.71 -30.38
C ASP A 449 12.50 5.50 -29.13
N GLY A 450 13.47 4.59 -29.23
CA GLY A 450 14.39 4.30 -28.14
C GLY A 450 15.08 5.53 -27.59
N MET A 451 15.35 6.51 -28.47
CA MET A 451 16.01 7.76 -28.10
CA MET A 451 16.02 7.74 -28.07
C MET A 451 15.20 8.57 -27.09
N ALA A 452 13.91 8.32 -27.03
CA ALA A 452 13.03 9.06 -26.12
C ALA A 452 13.21 8.60 -24.67
N ARG A 453 13.82 7.43 -24.47
CA ARG A 453 14.10 6.90 -23.13
C ARG A 453 12.83 6.72 -22.29
N ILE A 454 11.71 6.45 -22.95
CA ILE A 454 10.44 6.29 -22.24
C ILE A 454 10.45 5.00 -21.43
N GLU A 455 10.77 3.88 -22.07
CA GLU A 455 10.80 2.59 -21.36
C GLU A 455 11.80 2.63 -20.22
N GLU A 456 12.93 3.28 -20.44
CA GLU A 456 13.96 3.39 -19.42
C GLU A 456 13.44 4.12 -18.18
N ARG A 457 12.80 5.27 -18.39
CA ARG A 457 12.31 6.06 -17.26
C ARG A 457 11.16 5.36 -16.55
N LEU A 458 10.29 4.69 -17.30
CA LEU A 458 9.18 3.97 -16.68
C LEU A 458 9.65 2.78 -15.87
N GLU A 459 10.66 2.08 -16.36
CA GLU A 459 11.20 0.95 -15.61
C GLU A 459 11.82 1.44 -14.31
N GLN A 460 12.56 2.53 -14.37
CA GLN A 460 13.14 3.13 -13.18
C GLN A 460 12.04 3.45 -12.17
N ALA A 461 10.99 4.13 -12.63
CA ALA A 461 9.91 4.54 -11.74
C ALA A 461 9.19 3.32 -11.14
N ARG A 462 8.89 2.33 -11.96
CA ARG A 462 8.19 1.13 -11.46
C ARG A 462 9.05 0.44 -10.41
N ARG A 463 10.36 0.40 -10.64
CA ARG A 463 11.23 -0.36 -9.74
C ARG A 463 11.43 0.34 -8.42
N GLU A 464 11.50 1.66 -8.42
CA GLU A 464 11.65 2.39 -7.16
C GLU A 464 10.36 2.32 -6.34
N LEU A 465 9.21 2.47 -6.98
CA LEU A 465 7.95 2.33 -6.26
C LEU A 465 7.81 0.90 -5.76
N SER A 466 8.17 -0.07 -6.59
CA SER A 466 8.11 -1.47 -6.16
C SER A 466 8.99 -1.75 -4.97
N LEU A 467 10.21 -1.23 -4.97
CA LEU A 467 11.12 -1.42 -3.87
C LEU A 467 10.53 -0.92 -2.57
N PHE A 468 9.83 0.21 -2.62
CA PHE A 468 9.29 0.80 -1.41
C PHE A 468 8.16 0.00 -0.80
N GLN A 469 7.57 -0.93 -1.56
CA GLN A 469 6.54 -1.80 -1.01
C GLN A 469 7.09 -2.79 0.00
N HIS A 470 8.42 -2.89 0.09
CA HIS A 470 9.07 -3.76 1.03
C HIS A 470 8.50 -3.56 2.43
N HIS A 471 8.48 -4.63 3.22
CA HIS A 471 7.96 -4.58 4.57
C HIS A 471 8.80 -3.78 5.56
N ASP A 472 9.91 -3.16 5.12
CA ASP A 472 10.58 -2.12 5.92
C ASP A 472 10.60 -0.78 5.21
N GLY A 473 9.92 -0.68 4.07
CA GLY A 473 9.88 0.55 3.30
C GLY A 473 8.67 1.37 3.71
N ILE A 474 7.55 1.12 3.05
CA ILE A 474 6.32 1.83 3.34
C ILE A 474 5.91 1.74 4.82
N THR A 475 6.33 0.68 5.50
CA THR A 475 6.00 0.49 6.90
C THR A 475 6.67 1.51 7.83
N GLY A 476 7.72 2.20 7.38
CA GLY A 476 8.38 3.18 8.23
C GLY A 476 9.19 2.55 9.34
N THR A 477 9.72 1.36 9.08
CA THR A 477 10.46 0.61 10.09
C THR A 477 11.94 0.47 9.75
N ALA A 478 12.48 1.34 8.89
CA ALA A 478 13.91 1.29 8.53
C ALA A 478 14.73 2.35 9.26
N LYS A 479 16.04 2.18 9.28
CA LYS A 479 16.90 3.19 9.88
C LYS A 479 16.81 4.49 9.10
N THR A 480 17.10 5.60 9.78
CA THR A 480 16.97 6.91 9.19
C THR A 480 17.65 7.04 7.82
N HIS A 481 18.90 6.57 7.69
CA HIS A 481 19.61 6.73 6.42
C HIS A 481 19.03 5.85 5.32
N VAL A 482 18.32 4.80 5.71
CA VAL A 482 17.66 3.94 4.76
C VAL A 482 16.37 4.61 4.27
N VAL A 483 15.62 5.22 5.18
CA VAL A 483 14.46 6.02 4.80
C VAL A 483 14.87 7.10 3.80
N VAL A 484 16.00 7.75 4.04
CA VAL A 484 16.51 8.77 3.13
C VAL A 484 16.79 8.17 1.76
N ASP A 485 17.37 6.96 1.72
CA ASP A 485 17.63 6.30 0.45
C ASP A 485 16.33 6.02 -0.29
N TYR A 486 15.33 5.52 0.41
CA TYR A 486 14.03 5.27 -0.24
C TYR A 486 13.42 6.55 -0.77
N GLU A 487 13.54 7.63 0.01
CA GLU A 487 13.03 8.93 -0.41
C GLU A 487 13.71 9.42 -1.69
N GLN A 488 15.05 9.35 -1.71
CA GLN A 488 15.83 9.78 -2.88
C GLN A 488 15.43 8.98 -4.11
N ARG A 489 15.26 7.67 -3.92
CA ARG A 489 14.83 6.80 -5.00
C ARG A 489 13.45 7.22 -5.52
N MET A 490 12.52 7.48 -4.61
CA MET A 490 11.18 7.88 -5.01
C MET A 490 11.17 9.26 -5.67
N GLN A 491 12.03 10.16 -5.22
CA GLN A 491 12.14 11.47 -5.86
CA GLN A 491 12.16 11.47 -5.85
C GLN A 491 12.60 11.33 -7.30
N GLU A 492 13.58 10.47 -7.53
CA GLU A 492 14.06 10.19 -8.88
C GLU A 492 12.93 9.60 -9.71
N ALA A 493 12.16 8.70 -9.12
CA ALA A 493 11.02 8.08 -9.82
C ALA A 493 9.97 9.12 -10.21
N LEU A 494 9.69 10.06 -9.31
CA LEU A 494 8.73 11.11 -9.59
C LEU A 494 9.20 11.96 -10.77
N LYS A 495 10.49 12.29 -10.79
CA LYS A 495 11.05 13.07 -11.89
C LYS A 495 10.96 12.29 -13.20
N ALA A 496 11.21 10.98 -13.15
CA ALA A 496 11.09 10.13 -14.32
C ALA A 496 9.67 10.16 -14.86
N CYS A 497 8.70 10.03 -13.96
N CYS A 497 8.68 10.03 -13.97
CA CYS A 497 7.31 10.05 -14.32
CA CYS A 497 7.27 10.06 -14.38
C CYS A 497 6.92 11.38 -14.97
C CYS A 497 6.90 11.40 -14.99
N GLN A 498 7.36 12.49 -14.37
CA GLN A 498 7.08 13.82 -14.90
CA GLN A 498 7.09 13.82 -14.89
C GLN A 498 7.61 13.94 -16.32
N MET A 499 8.84 13.49 -16.56
CA MET A 499 9.45 13.58 -17.89
C MET A 499 8.60 12.83 -18.91
N VAL A 500 8.20 11.61 -18.57
CA VAL A 500 7.42 10.79 -19.50
C VAL A 500 6.06 11.44 -19.73
N MET A 501 5.41 11.88 -18.65
CA MET A 501 4.08 12.51 -18.77
C MET A 501 4.12 13.73 -19.67
N GLN A 502 5.10 14.61 -19.46
CA GLN A 502 5.09 15.87 -20.20
C GLN A 502 5.47 15.67 -21.66
N GLN A 503 6.38 14.76 -21.96
CA GLN A 503 6.64 14.39 -23.37
C GLN A 503 5.38 13.84 -24.03
N SER A 504 4.64 13.02 -23.29
CA SER A 504 3.42 12.42 -23.82
C SER A 504 2.35 13.46 -24.10
N VAL A 505 2.14 14.38 -23.16
CA VAL A 505 1.16 15.46 -23.36
C VAL A 505 1.51 16.29 -24.60
N TYR A 506 2.78 16.63 -24.76
CA TYR A 506 3.17 17.42 -25.91
CA TYR A 506 3.21 17.41 -25.93
C TYR A 506 2.86 16.67 -27.21
N ARG A 507 3.11 15.37 -27.24
CA ARG A 507 2.84 14.60 -28.45
C ARG A 507 1.33 14.44 -28.70
N LEU A 508 0.56 14.27 -27.65
CA LEU A 508 -0.87 14.03 -27.80
C LEU A 508 -1.65 15.26 -28.20
N LEU A 509 -1.11 16.43 -27.92
CA LEU A 509 -1.82 17.69 -28.14
C LEU A 509 -1.15 18.66 -29.12
N THR A 510 -0.20 18.18 -29.90
CA THR A 510 0.39 19.00 -30.95
C THR A 510 0.06 18.43 -32.32
N LYS A 511 -0.33 19.31 -33.23
CA LYS A 511 -0.62 18.93 -34.61
C LYS A 511 0.53 18.07 -35.13
N PRO A 512 0.22 16.88 -35.66
CA PRO A 512 1.27 15.91 -35.99
C PRO A 512 2.38 16.40 -36.95
N SER A 513 2.03 17.22 -37.93
CA SER A 513 3.03 17.71 -38.90
C SER A 513 3.89 18.84 -38.35
N ILE A 514 3.57 19.30 -37.13
CA ILE A 514 4.32 20.36 -36.44
C ILE A 514 5.20 19.76 -35.35
N TYR A 515 4.73 18.67 -34.75
CA TYR A 515 5.41 18.02 -33.62
C TYR A 515 6.89 17.77 -33.92
N SER A 516 7.77 18.33 -33.08
CA SER A 516 9.22 18.24 -33.29
C SER A 516 9.91 18.08 -31.94
N PRO A 517 9.85 16.86 -31.38
CA PRO A 517 10.30 16.69 -30.01
C PRO A 517 11.81 16.71 -29.80
N ASP A 518 12.22 17.38 -28.74
CA ASP A 518 13.54 17.24 -28.14
C ASP A 518 13.25 16.41 -26.89
N PHE A 519 13.73 15.18 -26.88
CA PHE A 519 13.38 14.24 -25.82
C PHE A 519 14.00 14.56 -24.46
N SER A 520 14.90 15.54 -24.45
CA SER A 520 15.52 16.02 -23.21
C SER A 520 14.83 17.26 -22.64
N PHE A 521 13.91 17.84 -23.44
CA PHE A 521 13.34 19.15 -23.11
C PHE A 521 12.08 19.03 -22.27
N SER A 522 11.87 19.99 -21.38
CA SER A 522 10.63 20.06 -20.60
C SER A 522 9.63 21.01 -21.27
N TYR A 523 8.70 20.43 -22.03
CA TYR A 523 7.61 21.19 -22.67
C TYR A 523 6.61 21.65 -21.66
N PHE A 524 6.41 20.87 -20.60
CA PHE A 524 5.50 21.21 -19.52
C PHE A 524 6.15 20.93 -18.20
N THR A 525 5.72 21.70 -17.21
CA THR A 525 6.06 21.48 -15.80
C THR A 525 4.80 20.96 -15.11
N LEU A 526 4.91 19.89 -14.33
CA LEU A 526 3.79 19.44 -13.52
C LEU A 526 3.55 20.42 -12.38
N ASP A 527 2.29 20.68 -12.09
CA ASP A 527 1.91 21.49 -10.97
C ASP A 527 1.09 20.61 -10.05
N ASP A 528 1.59 20.36 -8.86
CA ASP A 528 0.88 19.51 -7.91
C ASP A 528 0.61 20.34 -6.67
N SER A 529 -0.66 20.56 -6.39
CA SER A 529 -1.06 21.41 -5.27
CA SER A 529 -1.10 21.38 -5.26
C SER A 529 -0.97 20.69 -3.91
N ARG A 530 -0.84 19.37 -3.90
CA ARG A 530 -0.90 18.62 -2.64
C ARG A 530 0.30 17.74 -2.38
N TRP A 531 1.34 17.89 -3.18
CA TRP A 531 2.59 17.20 -2.88
C TRP A 531 3.77 17.99 -3.41
N PRO A 532 4.78 18.24 -2.56
CA PRO A 532 4.85 17.94 -1.13
C PRO A 532 3.83 18.72 -0.30
N GLY A 533 3.33 19.82 -0.86
CA GLY A 533 2.25 20.56 -0.25
C GLY A 533 2.69 21.90 0.30
N SER A 534 1.72 22.80 0.41
CA SER A 534 1.92 24.12 1.01
C SER A 534 2.39 23.94 2.44
N GLY A 535 3.48 24.63 2.79
CA GLY A 535 4.07 24.50 4.12
C GLY A 535 5.05 23.35 4.27
N VAL A 536 5.16 22.52 3.23
CA VAL A 536 6.10 21.40 3.24
C VAL A 536 7.30 21.72 2.35
N GLU A 537 7.02 22.12 1.11
CA GLU A 537 8.06 22.52 0.18
C GLU A 537 7.50 23.60 -0.75
N ASP A 538 8.26 24.66 -0.96
CA ASP A 538 7.87 25.65 -1.96
C ASP A 538 8.40 25.16 -3.30
N SER A 539 7.56 24.37 -3.98
CA SER A 539 8.00 23.61 -5.16
C SER A 539 7.31 24.04 -6.44
N ARG A 540 6.12 24.60 -6.35
CA ARG A 540 5.36 24.92 -7.57
C ARG A 540 5.80 26.20 -8.23
N THR A 541 5.68 26.21 -9.55
CA THR A 541 6.06 27.36 -10.35
C THR A 541 4.89 28.32 -10.46
N THR A 542 5.18 29.60 -10.31
CA THR A 542 4.20 30.65 -10.54
C THR A 542 4.14 30.88 -12.03
N ILE A 543 2.93 30.98 -12.55
CA ILE A 543 2.73 31.41 -13.91
C ILE A 543 2.90 32.92 -13.95
N ILE A 544 3.95 33.36 -14.62
CA ILE A 544 4.29 34.77 -14.64
C ILE A 544 3.76 35.42 -15.90
N LEU A 545 2.79 36.30 -15.71
CA LEU A 545 2.16 37.01 -16.79
C LEU A 545 2.35 38.50 -16.57
N GLY A 546 2.29 39.26 -17.65
CA GLY A 546 2.46 40.71 -17.56
C GLY A 546 2.48 41.31 -18.95
N GLU A 547 2.02 42.55 -19.04
CA GLU A 547 1.96 43.28 -20.30
C GLU A 547 3.30 43.33 -21.00
N ASP A 548 4.36 43.46 -20.20
CA ASP A 548 5.70 43.63 -20.73
C ASP A 548 6.51 42.33 -20.76
N ILE A 549 5.84 41.19 -20.59
N ILE A 549 5.84 41.19 -20.61
CA ILE A 549 6.54 39.89 -20.57
CA ILE A 549 6.55 39.90 -20.69
C ILE A 549 5.81 38.75 -21.29
C ILE A 549 5.76 38.81 -21.41
N LEU A 550 4.52 38.55 -20.96
CA LEU A 550 3.75 37.40 -21.48
C LEU A 550 2.28 37.59 -21.14
N PRO A 551 1.43 37.72 -22.16
CA PRO A 551 0.00 37.92 -21.85
C PRO A 551 -0.77 36.69 -21.40
N SER A 552 -0.34 35.49 -21.80
CA SER A 552 -1.14 34.29 -21.55
C SER A 552 -0.30 33.03 -21.46
N LYS A 553 -0.93 32.00 -20.90
CA LYS A 553 -0.26 30.71 -20.70
C LYS A 553 -1.26 29.57 -20.89
N HIS A 554 -0.85 28.56 -21.66
CA HIS A 554 -1.61 27.32 -21.76
C HIS A 554 -1.30 26.37 -20.60
N VAL A 555 -2.37 25.76 -20.09
CA VAL A 555 -2.26 24.71 -19.10
C VAL A 555 -3.08 23.52 -19.59
N VAL A 556 -2.70 22.32 -19.17
CA VAL A 556 -3.36 21.10 -19.62
C VAL A 556 -3.64 20.23 -18.41
N MET A 557 -4.86 19.68 -18.36
CA MET A 557 -5.23 18.70 -17.33
C MET A 557 -5.36 17.32 -17.93
N HIS A 558 -4.88 16.32 -17.19
CA HIS A 558 -5.03 14.92 -17.54
C HIS A 558 -5.93 14.22 -16.54
N ASN A 559 -6.81 13.36 -17.07
CA ASN A 559 -7.72 12.57 -16.26
C ASN A 559 -7.48 11.08 -16.51
N THR A 560 -6.83 10.42 -15.57
CA THR A 560 -6.49 9.02 -15.75
C THR A 560 -7.70 8.09 -15.63
N LEU A 561 -8.81 8.57 -15.06
CA LEU A 561 -9.99 7.72 -14.89
C LEU A 561 -10.81 7.60 -16.17
N PRO A 562 -11.42 6.43 -16.41
CA PRO A 562 -12.17 6.20 -17.64
C PRO A 562 -13.61 6.76 -17.65
N HIS A 563 -13.79 7.94 -17.09
CA HIS A 563 -15.08 8.62 -17.22
C HIS A 563 -14.80 10.10 -17.30
N TRP A 564 -15.71 10.85 -17.90
CA TRP A 564 -15.62 12.32 -17.89
C TRP A 564 -15.56 12.78 -16.46
N ARG A 565 -14.68 13.73 -16.19
CA ARG A 565 -14.53 14.19 -14.83
C ARG A 565 -14.37 15.70 -14.79
N GLU A 566 -15.09 16.32 -13.86
CA GLU A 566 -14.87 17.71 -13.50
C GLU A 566 -14.19 17.77 -12.14
N GLN A 567 -13.26 18.70 -11.99
CA GLN A 567 -12.59 18.91 -10.72
C GLN A 567 -12.07 20.32 -10.73
N LEU A 568 -12.15 21.00 -9.58
CA LEU A 568 -11.48 22.29 -9.47
C LEU A 568 -9.99 22.09 -9.48
N VAL A 569 -9.32 22.96 -10.21
CA VAL A 569 -7.87 22.95 -10.26
C VAL A 569 -7.39 24.35 -9.93
N ASP A 570 -6.20 24.45 -9.36
CA ASP A 570 -5.63 25.75 -9.03
CA ASP A 570 -5.63 25.76 -9.04
C ASP A 570 -4.20 25.89 -9.52
N PHE A 571 -3.83 27.13 -9.85
CA PHE A 571 -2.49 27.47 -10.27
C PHE A 571 -2.08 28.73 -9.55
N TYR A 572 -0.79 28.89 -9.31
CA TYR A 572 -0.26 30.16 -8.84
C TYR A 572 0.01 31.05 -10.04
N VAL A 573 -0.43 32.31 -9.93
CA VAL A 573 -0.24 33.32 -10.97
C VAL A 573 0.31 34.60 -10.36
N SER A 574 0.99 35.40 -11.18
CA SER A 574 1.69 36.58 -10.68
C SER A 574 0.81 37.82 -10.63
N SER A 575 -0.47 37.69 -11.01
CA SER A 575 -1.43 38.79 -10.95
C SER A 575 -2.79 38.26 -10.53
N PRO A 576 -3.59 39.10 -9.83
CA PRO A 576 -4.95 38.67 -9.54
C PRO A 576 -5.91 38.85 -10.72
N PHE A 577 -5.48 39.59 -11.74
CA PHE A 577 -6.36 39.92 -12.87
C PHE A 577 -6.14 38.95 -14.01
N VAL A 578 -6.62 37.73 -13.78
CA VAL A 578 -6.43 36.64 -14.72
C VAL A 578 -7.79 36.02 -15.02
N SER A 579 -8.03 35.74 -16.29
CA SER A 579 -9.23 35.03 -16.69
C SER A 579 -8.86 33.74 -17.41
N VAL A 580 -9.83 32.84 -17.43
CA VAL A 580 -9.62 31.51 -17.97
C VAL A 580 -10.56 31.29 -19.17
N THR A 581 -10.03 30.68 -20.21
CA THR A 581 -10.81 30.26 -21.38
C THR A 581 -10.44 28.81 -21.71
N ASP A 582 -11.38 28.09 -22.32
CA ASP A 582 -11.04 26.81 -22.95
C ASP A 582 -10.42 27.09 -24.32
N LEU A 583 -10.03 26.06 -25.08
CA LEU A 583 -9.38 26.36 -26.35
C LEU A 583 -10.37 26.69 -27.48
N ALA A 584 -11.67 26.64 -27.19
CA ALA A 584 -12.66 27.26 -28.09
C ALA A 584 -12.89 28.72 -27.71
N ASN A 585 -12.08 29.23 -26.79
CA ASN A 585 -12.17 30.62 -26.32
C ASN A 585 -13.44 30.93 -25.52
N ASN A 586 -14.10 29.89 -25.04
CA ASN A 586 -15.25 30.06 -24.15
C ASN A 586 -14.74 30.45 -22.77
N PRO A 587 -15.24 31.57 -22.21
CA PRO A 587 -14.84 31.91 -20.84
C PRO A 587 -15.19 30.80 -19.86
N VAL A 588 -14.36 30.65 -18.83
CA VAL A 588 -14.56 29.68 -17.77
C VAL A 588 -14.58 30.46 -16.47
N GLU A 589 -15.60 30.22 -15.65
CA GLU A 589 -15.72 30.93 -14.38
C GLU A 589 -14.53 30.57 -13.49
N ALA A 590 -13.94 31.58 -12.87
CA ALA A 590 -12.75 31.37 -12.06
C ALA A 590 -12.87 32.14 -10.75
N GLN A 591 -12.10 31.70 -9.77
CA GLN A 591 -11.98 32.41 -8.50
C GLN A 591 -10.51 32.62 -8.21
N VAL A 592 -10.18 33.84 -7.77
CA VAL A 592 -8.83 34.13 -7.30
C VAL A 592 -8.85 34.27 -5.78
N SER A 593 -7.87 33.64 -5.13
CA SER A 593 -7.70 33.69 -3.69
C SER A 593 -6.25 34.04 -3.42
N PRO A 594 -5.95 34.54 -2.23
CA PRO A 594 -4.55 34.78 -1.89
C PRO A 594 -3.75 33.50 -1.71
N VAL A 595 -2.42 33.61 -1.73
CA VAL A 595 -1.57 32.51 -1.32
C VAL A 595 -1.22 32.74 0.15
N TRP A 596 -1.70 31.84 1.01
CA TRP A 596 -1.51 31.95 2.44
C TRP A 596 -0.48 30.95 2.92
N SER A 597 0.48 31.43 3.71
CA SER A 597 1.45 30.51 4.31
CA SER A 597 1.51 30.59 4.28
C SER A 597 1.46 30.75 5.80
N TRP A 598 1.51 29.63 6.50
CA TRP A 598 1.45 29.64 7.96
C TRP A 598 2.84 29.64 8.55
N HIS A 599 3.02 30.49 9.56
CA HIS A 599 4.32 30.70 10.13
CA HIS A 599 4.32 30.78 10.13
C HIS A 599 4.29 30.58 11.64
N HIS A 600 5.25 29.82 12.17
CA HIS A 600 5.40 29.68 13.60
C HIS A 600 6.26 30.86 14.01
N ASP A 601 5.61 31.88 14.55
CA ASP A 601 6.27 33.12 14.87
C ASP A 601 7.01 32.97 16.19
N THR A 602 8.33 32.85 16.10
CA THR A 602 9.19 32.64 17.28
C THR A 602 9.25 33.86 18.19
N LEU A 603 8.85 35.02 17.67
CA LEU A 603 8.82 36.26 18.43
C LEU A 603 7.53 36.44 19.22
N THR A 604 6.39 36.35 18.54
CA THR A 604 5.09 36.51 19.19
C THR A 604 4.57 35.21 19.82
N LYS A 605 5.22 34.08 19.49
CA LYS A 605 4.81 32.76 19.99
C LYS A 605 3.39 32.42 19.56
N THR A 606 3.08 32.72 18.31
CA THR A 606 1.78 32.39 17.72
C THR A 606 2.02 31.75 16.36
N ILE A 607 1.02 31.00 15.90
CA ILE A 607 1.06 30.41 14.58
C ILE A 607 0.02 31.15 13.77
N HIS A 608 0.45 31.83 12.72
CA HIS A 608 -0.47 32.72 12.00
C HIS A 608 -0.12 32.79 10.52
N PRO A 609 -1.12 33.12 9.68
CA PRO A 609 -0.89 33.14 8.26
C PRO A 609 -0.37 34.47 7.72
N GLN A 610 0.47 34.36 6.72
CA GLN A 610 0.99 35.51 5.99
C GLN A 610 0.53 35.34 4.55
N GLY A 611 0.09 36.45 3.94
CA GLY A 611 -0.35 36.42 2.55
C GLY A 611 0.70 36.99 1.61
N SER A 612 0.76 36.42 0.41
CA SER A 612 1.68 36.92 -0.60
C SER A 612 1.15 38.21 -1.21
N THR A 613 2.06 39.12 -1.54
CA THR A 613 1.68 40.36 -2.20
C THR A 613 2.04 40.35 -3.70
N THR A 614 2.51 39.21 -4.19
CA THR A 614 2.92 39.10 -5.60
C THR A 614 2.49 37.81 -6.31
N LYS A 615 1.89 36.89 -5.56
CA LYS A 615 1.48 35.59 -6.07
C LYS A 615 0.06 35.33 -5.59
N TYR A 616 -0.77 34.77 -6.46
CA TYR A 616 -2.20 34.55 -6.19
C TYR A 616 -2.59 33.18 -6.70
N ARG A 617 -3.68 32.63 -6.16
CA ARG A 617 -4.20 31.36 -6.63
C ARG A 617 -5.36 31.61 -7.54
N ILE A 618 -5.36 31.02 -8.72
CA ILE A 618 -6.55 31.03 -9.56
C ILE A 618 -7.12 29.62 -9.60
N ILE A 619 -8.43 29.53 -9.43
CA ILE A 619 -9.15 28.27 -9.29
C ILE A 619 -10.26 28.24 -10.31
N PHE A 620 -10.41 27.12 -11.02
CA PHE A 620 -11.52 26.97 -11.95
C PHE A 620 -11.83 25.50 -12.12
N LYS A 621 -12.98 25.21 -12.69
CA LYS A 621 -13.41 23.85 -12.90
C LYS A 621 -12.91 23.35 -14.24
N ALA A 622 -12.09 22.32 -14.21
CA ALA A 622 -11.64 21.66 -15.44
C ALA A 622 -12.56 20.49 -15.73
N ARG A 623 -12.90 20.31 -17.01
CA ARG A 623 -13.71 19.18 -17.45
C ARG A 623 -12.87 18.41 -18.44
N VAL A 624 -12.61 17.14 -18.13
CA VAL A 624 -11.62 16.39 -18.87
C VAL A 624 -12.19 15.05 -19.34
N PRO A 625 -11.90 14.67 -20.60
CA PRO A 625 -12.41 13.41 -21.12
C PRO A 625 -11.91 12.18 -20.37
N PRO A 626 -12.59 11.05 -20.56
CA PRO A 626 -12.09 9.79 -19.97
C PRO A 626 -10.68 9.52 -20.49
N MET A 627 -9.75 9.24 -19.57
CA MET A 627 -8.37 8.90 -19.94
C MET A 627 -7.83 9.91 -20.94
N GLY A 628 -8.12 11.18 -20.68
CA GLY A 628 -7.90 12.20 -21.69
C GLY A 628 -7.26 13.47 -21.16
N LEU A 629 -7.22 14.46 -22.05
CA LEU A 629 -6.56 15.74 -21.77
C LEU A 629 -7.45 16.88 -22.20
N ALA A 630 -7.36 17.99 -21.47
CA ALA A 630 -8.09 19.22 -21.81
C ALA A 630 -7.19 20.43 -21.59
N THR A 631 -7.17 21.32 -22.57
CA THR A 631 -6.31 22.51 -22.55
C THR A 631 -7.11 23.76 -22.20
N TYR A 632 -6.54 24.60 -21.35
CA TYR A 632 -7.13 25.89 -21.01
C TYR A 632 -6.06 26.96 -21.14
N VAL A 633 -6.51 28.22 -21.17
CA VAL A 633 -5.61 29.35 -21.32
C VAL A 633 -5.89 30.35 -20.21
N LEU A 634 -4.82 30.80 -19.56
CA LEU A 634 -4.89 31.84 -18.55
C LEU A 634 -4.36 33.13 -19.15
N THR A 635 -5.16 34.20 -19.07
CA THR A 635 -4.80 35.47 -19.70
C THR A 635 -4.89 36.61 -18.70
N ILE A 636 -3.87 37.46 -18.71
CA ILE A 636 -3.85 38.61 -17.81
C ILE A 636 -4.63 39.79 -18.40
N SER A 637 -5.18 40.62 -17.52
CA SER A 637 -5.79 41.88 -17.92
C SER A 637 -5.37 42.96 -16.92
N ASP A 638 -5.66 44.22 -17.25
CA ASP A 638 -5.29 45.36 -16.40
C ASP A 638 -6.15 45.46 -15.13
N SER A 639 -7.37 44.93 -15.22
CA SER A 639 -8.34 45.04 -14.14
C SER A 639 -9.20 43.78 -14.02
N LYS A 640 -10.11 43.78 -13.06
CA LYS A 640 -10.94 42.61 -12.78
C LYS A 640 -11.65 42.09 -14.04
N PRO A 641 -11.35 40.83 -14.42
CA PRO A 641 -12.01 40.17 -15.52
C PRO A 641 -13.47 39.88 -15.21
N GLU A 642 -14.30 39.88 -16.24
CA GLU A 642 -15.73 39.63 -16.11
C GLU A 642 -16.07 38.29 -15.43
N HIS A 643 -15.31 37.25 -15.74
CA HIS A 643 -15.65 35.90 -15.31
C HIS A 643 -14.78 35.36 -14.16
N THR A 644 -14.07 36.26 -13.49
CA THR A 644 -13.25 35.90 -12.34
C THR A 644 -13.76 36.66 -11.11
N SER A 645 -14.03 35.92 -10.03
CA SER A 645 -14.41 36.51 -8.76
C SER A 645 -13.27 36.41 -7.76
N TYR A 646 -13.40 37.09 -6.64
CA TYR A 646 -12.35 37.18 -5.64
C TYR A 646 -12.90 36.79 -4.31
N ALA A 647 -12.18 35.90 -3.63
CA ALA A 647 -12.58 35.44 -2.30
C ALA A 647 -12.43 36.54 -1.26
N SER A 648 -13.33 36.51 -0.28
CA SER A 648 -13.14 37.34 0.90
C SER A 648 -12.27 36.56 1.88
N ASN A 649 -11.61 37.26 2.78
CA ASN A 649 -10.75 36.63 3.77
C ASN A 649 -10.98 37.29 5.10
N LEU A 650 -11.12 36.45 6.12
CA LEU A 650 -11.39 36.90 7.47
C LEU A 650 -10.45 36.20 8.43
N LEU A 651 -9.65 36.99 9.14
CA LEU A 651 -8.70 36.49 10.09
C LEU A 651 -9.26 36.68 11.50
N LEU A 652 -9.51 35.58 12.19
CA LEU A 652 -10.08 35.61 13.51
C LEU A 652 -9.00 35.38 14.55
N ARG A 653 -8.71 36.43 15.31
CA ARG A 653 -7.77 36.36 16.41
C ARG A 653 -7.84 37.63 17.24
N LYS A 654 -7.46 37.52 18.50
CA LYS A 654 -7.19 38.68 19.33
C LYS A 654 -5.84 39.27 18.89
N ASN A 655 -5.71 40.59 19.02
CA ASN A 655 -4.49 41.30 18.66
C ASN A 655 -4.05 41.07 17.21
N PRO A 656 -4.94 41.39 16.24
CA PRO A 656 -4.56 41.23 14.85
C PRO A 656 -3.64 42.35 14.40
N THR A 657 -2.84 42.06 13.38
CA THR A 657 -2.07 43.06 12.69
C THR A 657 -2.48 43.02 11.22
N SER A 658 -2.15 44.08 10.50
CA SER A 658 -2.54 44.22 9.10
C SER A 658 -2.01 43.06 8.24
N LEU A 659 -2.73 42.80 7.15
CA LEU A 659 -2.35 41.75 6.21
C LEU A 659 -2.54 42.28 4.78
N PRO A 660 -1.57 43.04 4.27
CA PRO A 660 -1.64 43.56 2.90
C PRO A 660 -1.51 42.43 1.87
N LEU A 661 -2.18 42.61 0.74
CA LEU A 661 -2.20 41.56 -0.28
C LEU A 661 -1.90 42.09 -1.69
N GLY A 662 -1.15 43.19 -1.77
CA GLY A 662 -0.77 43.79 -3.04
C GLY A 662 -1.97 44.18 -3.88
N GLN A 663 -2.02 43.68 -5.11
CA GLN A 663 -3.08 44.03 -6.06
C GLN A 663 -4.42 43.36 -5.76
N TYR A 664 -4.43 42.42 -4.84
CA TYR A 664 -5.64 41.67 -4.53
C TYR A 664 -6.77 42.65 -4.17
N PRO A 665 -7.89 42.60 -4.93
CA PRO A 665 -8.92 43.64 -4.84
C PRO A 665 -9.79 43.70 -3.57
N GLU A 666 -9.75 42.68 -2.73
CA GLU A 666 -10.55 42.68 -1.51
C GLU A 666 -9.66 42.72 -0.27
N ASP A 667 -9.92 43.68 0.61
CA ASP A 667 -9.13 43.82 1.85
C ASP A 667 -9.48 42.73 2.85
N VAL A 668 -8.46 42.19 3.51
CA VAL A 668 -8.66 41.21 4.59
C VAL A 668 -9.44 41.86 5.73
N LYS A 669 -10.40 41.12 6.26
CA LYS A 669 -11.20 41.53 7.42
C LYS A 669 -10.71 40.81 8.67
N PHE A 670 -10.93 41.44 9.83
CA PHE A 670 -10.46 40.91 11.11
C PHE A 670 -11.61 40.81 12.10
N GLY A 671 -11.48 39.90 13.05
CA GLY A 671 -12.46 39.80 14.12
C GLY A 671 -11.96 38.94 15.25
N ASP A 672 -12.63 39.03 16.40
CA ASP A 672 -12.35 38.13 17.50
C ASP A 672 -12.81 36.72 17.13
N PRO A 673 -12.14 35.68 17.66
CA PRO A 673 -12.64 34.32 17.43
C PRO A 673 -14.13 34.18 17.67
N ARG A 674 -14.79 33.46 16.78
CA ARG A 674 -16.24 33.26 16.85
C ARG A 674 -16.63 32.04 16.03
N GLU A 675 -17.77 31.46 16.36
CA GLU A 675 -18.31 30.37 15.55
C GLU A 675 -18.69 30.88 14.17
N ILE A 676 -18.47 30.05 13.15
CA ILE A 676 -18.77 30.45 11.79
C ILE A 676 -19.44 29.31 11.04
N SER A 677 -20.15 29.68 9.98
CA SER A 677 -20.83 28.72 9.13
CA SER A 677 -20.79 28.70 9.11
C SER A 677 -20.56 29.05 7.66
N LEU A 678 -20.37 28.03 6.84
CA LEU A 678 -20.08 28.22 5.43
C LEU A 678 -20.86 27.25 4.59
N ARG A 679 -21.21 27.69 3.39
CA ARG A 679 -21.83 26.84 2.39
C ARG A 679 -21.31 27.26 1.02
N VAL A 680 -20.83 26.29 0.26
CA VAL A 680 -20.44 26.51 -1.13
C VAL A 680 -21.45 25.81 -2.03
N GLY A 681 -21.90 26.53 -3.06
CA GLY A 681 -22.87 26.01 -4.02
C GLY A 681 -24.15 25.55 -3.31
N ASN A 682 -24.69 24.43 -3.78
CA ASN A 682 -25.87 23.83 -3.17
C ASN A 682 -25.48 22.75 -2.17
N GLY A 683 -24.18 22.71 -1.87
CA GLY A 683 -23.60 21.65 -1.07
C GLY A 683 -23.95 21.73 0.40
N PRO A 684 -23.21 20.99 1.25
CA PRO A 684 -23.53 21.00 2.67
C PRO A 684 -23.15 22.32 3.33
N THR A 685 -23.83 22.63 4.42
CA THR A 685 -23.49 23.77 5.25
C THR A 685 -22.70 23.25 6.43
N LEU A 686 -21.50 23.80 6.63
CA LEU A 686 -20.63 23.36 7.69
C LEU A 686 -20.50 24.42 8.76
N ALA A 687 -20.60 24.01 10.02
CA ALA A 687 -20.44 24.93 11.15
C ALA A 687 -19.14 24.61 11.86
N PHE A 688 -18.45 25.66 12.30
CA PHE A 688 -17.15 25.54 12.97
C PHE A 688 -17.14 26.19 14.33
N SER A 689 -16.38 25.62 15.25
CA SER A 689 -16.16 26.21 16.57
C SER A 689 -15.27 27.45 16.45
N GLU A 690 -15.19 28.22 17.53
CA GLU A 690 -14.31 29.38 17.57
C GLU A 690 -12.83 29.00 17.44
N GLN A 691 -12.52 27.71 17.59
CA GLN A 691 -11.15 27.21 17.37
C GLN A 691 -10.94 26.70 15.93
N GLY A 692 -11.91 26.95 15.06
CA GLY A 692 -11.76 26.62 13.64
C GLY A 692 -11.94 25.14 13.31
N LEU A 693 -12.54 24.39 14.23
CA LEU A 693 -12.75 22.95 14.03
C LEU A 693 -14.21 22.67 13.76
N LEU A 694 -14.45 21.78 12.79
CA LEU A 694 -15.81 21.35 12.46
C LEU A 694 -16.60 20.96 13.70
N LYS A 695 -17.84 21.41 13.76
CA LYS A 695 -18.77 20.98 14.80
C LYS A 695 -20.05 20.36 14.26
N SER A 696 -20.46 20.69 13.04
CA SER A 696 -21.69 20.13 12.47
C SER A 696 -21.73 20.22 10.96
N ILE A 697 -22.51 19.31 10.35
CA ILE A 697 -22.74 19.27 8.90
C ILE A 697 -24.25 19.22 8.64
N GLN A 698 -24.73 20.09 7.77
CA GLN A 698 -26.12 20.07 7.33
C GLN A 698 -26.14 19.80 5.83
N LEU A 699 -26.69 18.65 5.44
CA LEU A 699 -26.61 18.19 4.05
C LEU A 699 -27.41 19.02 3.04
N THR A 700 -28.63 19.40 3.43
CA THR A 700 -29.52 20.19 2.56
C THR A 700 -30.11 21.38 3.31
N GLN A 701 -30.64 22.35 2.56
CA GLN A 701 -31.15 23.61 3.12
C GLN A 701 -32.07 23.43 4.34
N ASP A 702 -32.92 22.41 4.29
CA ASP A 702 -33.92 22.17 5.33
C ASP A 702 -33.73 20.83 6.04
N SER A 703 -32.49 20.38 6.18
CA SER A 703 -32.16 19.17 6.92
C SER A 703 -31.51 19.52 8.27
N PRO A 704 -31.34 18.53 9.18
CA PRO A 704 -30.73 18.80 10.49
C PRO A 704 -29.24 19.16 10.44
N HIS A 705 -28.79 19.91 11.45
CA HIS A 705 -27.35 20.15 11.66
C HIS A 705 -26.78 18.98 12.46
N VAL A 706 -26.17 18.03 11.75
CA VAL A 706 -25.68 16.80 12.36
C VAL A 706 -24.36 17.04 13.07
N PRO A 707 -24.28 16.75 14.39
CA PRO A 707 -23.00 16.90 15.10
C PRO A 707 -21.90 16.02 14.54
N VAL A 708 -20.83 16.67 14.09
CA VAL A 708 -19.62 16.01 13.61
C VAL A 708 -18.49 16.91 14.09
N HIS A 709 -17.78 16.45 15.11
CA HIS A 709 -16.79 17.28 15.78
C HIS A 709 -15.37 16.76 15.55
N PHE A 710 -14.51 17.61 14.99
CA PHE A 710 -13.08 17.29 14.89
C PHE A 710 -12.37 17.68 16.18
N LYS A 711 -11.48 16.80 16.63
CA LYS A 711 -10.68 17.03 17.83
C LYS A 711 -9.31 16.44 17.60
N PHE A 712 -8.28 17.08 18.14
CA PHE A 712 -6.93 16.55 18.13
C PHE A 712 -6.50 16.16 19.54
N LEU A 713 -5.94 14.97 19.67
CA LEU A 713 -5.50 14.43 20.95
C LEU A 713 -4.09 13.86 20.84
N LYS A 714 -3.51 13.48 21.97
CA LYS A 714 -2.17 12.93 22.00
C LYS A 714 -2.10 11.67 22.85
N TYR A 715 -1.43 10.66 22.31
CA TYR A 715 -1.04 9.51 23.11
C TYR A 715 0.39 9.68 23.56
N GLY A 716 0.72 9.11 24.72
CA GLY A 716 2.08 9.12 25.22
C GLY A 716 2.65 7.73 25.21
N VAL A 717 3.74 7.55 25.96
CA VAL A 717 4.50 6.32 26.03
C VAL A 717 4.60 5.92 27.49
N ARG A 718 4.66 4.62 27.75
CA ARG A 718 4.73 4.08 29.11
C ARG A 718 6.07 4.38 29.77
N SER A 719 6.01 4.76 31.04
CA SER A 719 7.20 5.04 31.83
C SER A 719 7.82 3.77 32.41
N HIS A 720 7.03 2.70 32.48
CA HIS A 720 7.50 1.38 32.89
CA HIS A 720 7.53 1.38 32.86
C HIS A 720 7.08 0.33 31.84
N GLY A 721 7.87 -0.74 31.75
CA GLY A 721 7.57 -1.82 30.81
C GLY A 721 7.88 -1.47 29.37
N ASP A 722 7.22 -2.15 28.44
CA ASP A 722 7.53 -2.02 27.02
C ASP A 722 7.18 -0.66 26.45
N ARG A 723 8.10 -0.12 25.63
CA ARG A 723 7.95 1.20 25.03
C ARG A 723 7.53 1.10 23.56
N SER A 724 6.67 2.03 23.16
CA SER A 724 6.32 2.22 21.75
C SER A 724 7.57 2.51 20.94
N GLY A 725 7.59 2.03 19.69
CA GLY A 725 8.67 2.34 18.75
C GLY A 725 8.09 2.33 17.35
N ALA A 726 8.96 2.15 16.35
CA ALA A 726 8.52 2.15 14.96
C ALA A 726 7.46 1.10 14.66
N TYR A 727 7.53 -0.04 15.32
CA TYR A 727 6.60 -1.15 15.07
C TYR A 727 5.40 -1.14 16.01
N LEU A 728 5.68 -0.98 17.30
CA LEU A 728 4.68 -1.19 18.36
C LEU A 728 4.02 0.08 18.82
N PHE A 729 2.71 0.00 19.06
CA PHE A 729 1.95 1.07 19.67
C PHE A 729 1.55 0.59 21.05
N LEU A 730 2.16 1.21 22.07
CA LEU A 730 1.94 0.83 23.46
C LEU A 730 1.58 2.08 24.25
N PRO A 731 0.35 2.59 24.06
CA PRO A 731 0.00 3.86 24.66
C PRO A 731 -0.08 3.78 26.18
N ASN A 732 0.18 4.91 26.84
CA ASN A 732 0.00 4.99 28.29
C ASN A 732 -1.44 5.42 28.59
N GLY A 733 -2.39 4.64 28.11
CA GLY A 733 -3.80 4.93 28.30
C GLY A 733 -4.42 5.70 27.14
N PRO A 734 -5.73 5.97 27.23
CA PRO A 734 -6.44 6.75 26.21
C PRO A 734 -5.79 8.12 25.98
N ALA A 735 -6.01 8.65 24.79
CA ALA A 735 -5.44 9.92 24.40
C ALA A 735 -5.98 11.10 25.22
N SER A 736 -5.14 12.11 25.37
CA SER A 736 -5.49 13.32 26.09
CA SER A 736 -5.51 13.32 26.09
C SER A 736 -5.63 14.48 25.10
N PRO A 737 -6.62 15.37 25.30
CA PRO A 737 -6.78 16.45 24.32
C PRO A 737 -5.53 17.34 24.18
N VAL A 738 -5.22 17.75 22.95
CA VAL A 738 -4.17 18.74 22.74
C VAL A 738 -4.68 20.08 23.28
N GLU A 739 -3.85 20.75 24.07
CA GLU A 739 -4.17 22.08 24.57
C GLU A 739 -4.04 23.08 23.43
N LEU A 740 -5.15 23.68 23.04
CA LEU A 740 -5.22 24.49 21.82
C LEU A 740 -4.89 25.96 22.01
N GLY A 741 -4.97 26.46 23.25
CA GLY A 741 -4.81 27.89 23.50
C GLY A 741 -5.90 28.68 22.81
N GLN A 742 -5.54 29.81 22.22
CA GLN A 742 -6.49 30.61 21.44
C GLN A 742 -5.96 30.71 20.00
N PRO A 743 -6.22 29.67 19.19
CA PRO A 743 -5.57 29.61 17.88
C PRO A 743 -6.13 30.62 16.87
N VAL A 744 -5.28 30.98 15.91
CA VAL A 744 -5.64 31.90 14.83
C VAL A 744 -6.39 31.13 13.76
N VAL A 745 -7.54 31.64 13.36
CA VAL A 745 -8.40 30.99 12.38
C VAL A 745 -8.53 31.88 11.16
N LEU A 746 -8.33 31.30 9.97
CA LEU A 746 -8.45 32.02 8.72
C LEU A 746 -9.61 31.46 7.90
N VAL A 747 -10.54 32.33 7.55
CA VAL A 747 -11.72 31.94 6.82
C VAL A 747 -11.65 32.59 5.44
N THR A 748 -11.65 31.77 4.39
CA THR A 748 -11.67 32.28 3.04
C THR A 748 -13.01 31.88 2.42
N LYS A 749 -13.74 32.84 1.86
CA LYS A 749 -15.05 32.57 1.32
C LYS A 749 -15.11 32.97 -0.13
N GLY A 750 -15.37 32.00 -0.98
CA GLY A 750 -15.43 32.21 -2.41
C GLY A 750 -16.61 31.51 -3.03
N LYS A 751 -16.92 31.90 -4.27
CA LYS A 751 -18.03 31.30 -5.00
C LYS A 751 -17.76 29.85 -5.33
N LEU A 752 -16.49 29.52 -5.62
CA LEU A 752 -16.11 28.17 -6.06
C LEU A 752 -15.50 27.35 -4.93
N GLU A 753 -14.80 28.01 -4.02
CA GLU A 753 -14.08 27.32 -2.97
C GLU A 753 -14.02 28.21 -1.73
N SER A 754 -14.36 27.63 -0.60
CA SER A 754 -14.21 28.29 0.70
C SER A 754 -13.41 27.38 1.62
N SER A 755 -12.84 27.94 2.66
CA SER A 755 -12.05 27.15 3.59
C SER A 755 -11.95 27.80 4.94
N VAL A 756 -11.72 26.96 5.95
CA VAL A 756 -11.40 27.39 7.29
C VAL A 756 -10.09 26.71 7.67
N SER A 757 -9.08 27.49 8.02
CA SER A 757 -7.76 26.97 8.39
C SER A 757 -7.42 27.47 9.78
N VAL A 758 -6.83 26.61 10.60
CA VAL A 758 -6.46 27.01 11.95
C VAL A 758 -5.08 26.50 12.31
N GLY A 759 -4.27 27.34 12.94
CA GLY A 759 -2.92 26.96 13.34
C GLY A 759 -2.93 26.40 14.74
N LEU A 760 -3.00 25.08 14.84
CA LEU A 760 -3.00 24.40 16.12
C LEU A 760 -1.59 23.97 16.46
N PRO A 761 -1.30 23.65 17.73
CA PRO A 761 0.01 23.07 18.02
C PRO A 761 0.23 21.79 17.22
N SER A 762 1.30 21.81 16.43
CA SER A 762 1.73 20.69 15.59
C SER A 762 0.94 20.45 14.32
N VAL A 763 -0.17 21.15 14.11
CA VAL A 763 -1.04 20.88 12.96
CA VAL A 763 -0.98 20.89 12.94
C VAL A 763 -1.68 22.16 12.44
N VAL A 764 -1.46 22.48 11.16
CA VAL A 764 -2.31 23.47 10.52
C VAL A 764 -3.43 22.65 9.88
N HIS A 765 -4.63 22.81 10.42
CA HIS A 765 -5.81 22.03 10.07
C HIS A 765 -6.68 22.84 9.14
N GLN A 766 -7.07 22.28 8.01
CA GLN A 766 -7.79 23.01 6.99
CA GLN A 766 -7.82 23.02 7.01
C GLN A 766 -9.00 22.20 6.55
N THR A 767 -10.16 22.85 6.51
CA THR A 767 -11.37 22.26 5.96
C THR A 767 -11.71 23.06 4.71
N ILE A 768 -11.78 22.39 3.55
CA ILE A 768 -12.00 23.05 2.27
C ILE A 768 -13.32 22.58 1.66
N MET A 769 -14.08 23.51 1.14
CA MET A 769 -15.41 23.24 0.63
C MET A 769 -15.48 23.67 -0.80
N ARG A 770 -15.89 22.74 -1.67
CA ARG A 770 -16.04 23.03 -3.08
C ARG A 770 -17.43 22.67 -3.60
N GLY A 771 -18.36 22.42 -2.69
CA GLY A 771 -19.74 22.17 -3.07
C GLY A 771 -20.22 20.76 -2.84
N GLY A 772 -19.30 19.88 -2.45
CA GLY A 772 -19.64 18.50 -2.05
C GLY A 772 -19.06 18.19 -0.68
N ALA A 773 -18.75 16.92 -0.44
CA ALA A 773 -18.06 16.53 0.79
C ALA A 773 -16.79 17.37 0.99
N PRO A 774 -16.56 17.87 2.21
CA PRO A 774 -15.34 18.66 2.40
C PRO A 774 -14.06 17.84 2.23
N GLU A 775 -13.00 18.57 1.90
CA GLU A 775 -11.65 18.06 1.92
C GLU A 775 -11.00 18.58 3.20
N ILE A 776 -10.28 17.70 3.88
CA ILE A 776 -9.51 18.08 5.07
C ILE A 776 -8.04 17.96 4.71
N ARG A 777 -7.25 18.97 5.04
CA ARG A 777 -5.80 18.88 4.92
C ARG A 777 -5.16 19.21 6.25
N ASN A 778 -4.26 18.37 6.72
CA ASN A 778 -3.50 18.64 7.92
C ASN A 778 -2.04 18.76 7.58
N LEU A 779 -1.45 19.91 7.84
CA LEU A 779 0.00 20.05 7.72
C LEU A 779 0.56 19.73 9.09
N VAL A 780 1.14 18.54 9.21
CA VAL A 780 1.50 17.99 10.50
C VAL A 780 3.00 18.13 10.73
N ASP A 781 3.36 18.89 11.76
CA ASP A 781 4.76 19.04 12.13
C ASP A 781 4.87 18.82 13.63
N ILE A 782 5.18 17.58 13.99
CA ILE A 782 5.24 17.15 15.38
C ILE A 782 6.44 17.79 16.09
N GLY A 783 7.36 18.36 15.32
CA GLY A 783 8.46 19.15 15.89
C GLY A 783 9.34 18.32 16.80
N SER A 784 9.57 18.82 18.01
CA SER A 784 10.44 18.15 18.98
CA SER A 784 10.43 18.12 18.96
C SER A 784 9.63 17.49 20.11
N LEU A 785 8.35 17.25 19.88
CA LEU A 785 7.47 16.62 20.87
C LEU A 785 7.76 15.14 21.02
N ASP A 786 8.77 14.81 21.84
CA ASP A 786 9.19 13.42 22.03
CA ASP A 786 9.19 13.42 22.02
C ASP A 786 8.11 12.58 22.69
N ASN A 787 8.11 11.29 22.36
CA ASN A 787 7.19 10.32 22.93
C ASN A 787 5.72 10.76 22.86
N THR A 788 5.34 11.20 21.67
CA THR A 788 4.00 11.72 21.41
C THR A 788 3.47 11.15 20.11
N GLU A 789 2.21 10.75 20.12
CA GLU A 789 1.50 10.36 18.90
C GLU A 789 0.29 11.27 18.80
N ILE A 790 0.16 12.00 17.68
CA ILE A 790 -0.95 12.92 17.50
C ILE A 790 -2.04 12.21 16.71
N VAL A 791 -3.26 12.24 17.25
CA VAL A 791 -4.42 11.62 16.62
C VAL A 791 -5.47 12.66 16.27
N MET A 792 -6.13 12.48 15.13
CA MET A 792 -7.28 13.27 14.76
C MET A 792 -8.52 12.42 14.98
N ARG A 793 -9.45 12.89 15.79
CA ARG A 793 -10.66 12.14 16.12
C ARG A 793 -11.87 12.90 15.63
N LEU A 794 -12.85 12.14 15.15
CA LEU A 794 -14.17 12.64 14.83
C LEU A 794 -15.18 12.08 15.84
N GLU A 795 -15.97 12.96 16.44
CA GLU A 795 -17.01 12.55 17.41
C GLU A 795 -18.39 12.84 16.82
N THR A 796 -19.25 11.83 16.79
CA THR A 796 -20.59 11.96 16.23
C THR A 796 -21.64 11.29 17.12
N HIS A 797 -22.90 11.38 16.71
CA HIS A 797 -24.05 10.72 17.34
C HIS A 797 -24.52 9.50 16.58
N ILE A 798 -23.63 8.97 15.76
CA ILE A 798 -23.95 7.75 15.06
C ILE A 798 -23.88 6.59 16.03
N ASP A 799 -24.95 5.79 16.05
CA ASP A 799 -25.06 4.67 16.98
C ASP A 799 -24.39 3.42 16.41
N SER A 800 -23.08 3.50 16.27
CA SER A 800 -22.30 2.45 15.64
C SER A 800 -21.94 1.33 16.61
N GLY A 801 -22.01 1.60 17.92
CA GLY A 801 -21.70 0.59 18.91
C GLY A 801 -20.24 0.21 18.89
N ASP A 802 -19.96 -1.05 18.61
CA ASP A 802 -18.58 -1.54 18.57
C ASP A 802 -18.13 -1.89 17.15
N ILE A 803 -18.92 -1.48 16.16
CA ILE A 803 -18.64 -1.81 14.76
C ILE A 803 -18.07 -0.62 14.00
N PHE A 804 -17.07 -0.90 13.17
CA PHE A 804 -16.53 0.06 12.23
C PHE A 804 -15.96 -0.69 11.04
N TYR A 805 -15.65 0.03 9.99
CA TYR A 805 -15.15 -0.59 8.75
C TYR A 805 -13.89 0.10 8.34
N THR A 806 -12.92 -0.68 7.91
CA THR A 806 -11.66 -0.14 7.40
C THR A 806 -11.33 -0.84 6.11
N ASP A 807 -10.56 -0.20 5.24
CA ASP A 807 -10.23 -0.87 4.02
C ASP A 807 -8.97 -1.71 4.12
N LEU A 808 -8.86 -2.62 3.17
CA LEU A 808 -7.68 -3.44 3.00
C LEU A 808 -7.07 -3.09 1.66
N ASN A 809 -5.91 -2.46 1.69
CA ASN A 809 -5.12 -2.18 0.48
C ASN A 809 -5.85 -1.38 -0.56
N GLY A 810 -6.84 -0.60 -0.14
CA GLY A 810 -7.59 0.20 -1.11
C GLY A 810 -8.48 -0.62 -2.01
N LEU A 811 -8.69 -1.89 -1.65
CA LEU A 811 -9.42 -2.84 -2.49
C LEU A 811 -10.83 -3.17 -1.97
N GLN A 812 -10.97 -3.29 -0.65
CA GLN A 812 -12.19 -3.81 -0.06
C GLN A 812 -12.33 -3.23 1.33
N PHE A 813 -13.55 -3.16 1.84
CA PHE A 813 -13.79 -2.73 3.20
C PHE A 813 -14.21 -3.91 4.04
N ILE A 814 -13.57 -4.07 5.17
CA ILE A 814 -13.81 -5.18 6.05
C ILE A 814 -14.43 -4.68 7.36
N LYS A 815 -15.41 -5.43 7.86
CA LYS A 815 -16.02 -5.11 9.14
C LYS A 815 -15.06 -5.40 10.27
N ARG A 816 -14.95 -4.42 11.16
CA ARG A 816 -14.18 -4.54 12.39
C ARG A 816 -15.12 -4.48 13.57
N ARG A 817 -14.73 -5.17 14.62
CA ARG A 817 -15.45 -5.06 15.88
C ARG A 817 -14.46 -4.70 16.95
N ARG A 818 -14.69 -3.56 17.61
CA ARG A 818 -13.89 -3.17 18.75
C ARG A 818 -14.08 -4.19 19.86
N LEU A 819 -12.99 -4.67 20.44
CA LEU A 819 -13.06 -5.70 21.47
C LEU A 819 -12.46 -5.16 22.75
N ASP A 820 -13.30 -4.94 23.75
CA ASP A 820 -12.80 -4.41 25.01
C ASP A 820 -11.97 -5.45 25.77
N LYS A 821 -12.05 -6.72 25.37
CA LYS A 821 -11.19 -7.75 25.96
C LYS A 821 -9.73 -7.63 25.49
N LEU A 822 -9.50 -6.84 24.44
CA LEU A 822 -8.14 -6.56 23.96
C LEU A 822 -7.75 -5.13 24.29
N PRO A 823 -6.45 -4.86 24.43
CA PRO A 823 -6.02 -3.50 24.73
C PRO A 823 -6.25 -2.53 23.57
N LEU A 824 -6.19 -1.25 23.89
CA LEU A 824 -6.44 -0.19 22.94
C LEU A 824 -5.70 -0.41 21.60
N GLN A 825 -4.41 -0.69 21.67
CA GLN A 825 -3.58 -0.82 20.47
C GLN A 825 -3.97 -1.98 19.58
N ALA A 826 -4.67 -2.98 20.13
CA ALA A 826 -5.15 -4.12 19.36
C ALA A 826 -6.35 -3.72 18.50
N ASN A 827 -7.03 -2.65 18.89
CA ASN A 827 -8.22 -2.18 18.18
C ASN A 827 -7.90 -1.17 17.08
N TYR A 828 -6.60 -0.91 16.92
CA TYR A 828 -6.09 -0.11 15.81
C TYR A 828 -5.85 -1.00 14.61
N TYR A 829 -6.22 -0.50 13.43
CA TYR A 829 -6.13 -1.24 12.18
C TYR A 829 -5.54 -0.31 11.13
N PRO A 830 -5.00 -0.90 10.05
CA PRO A 830 -4.50 -0.03 8.98
C PRO A 830 -5.67 0.68 8.32
N ILE A 831 -5.47 1.94 7.96
CA ILE A 831 -6.45 2.71 7.20
C ILE A 831 -5.77 3.09 5.91
N PRO A 832 -5.64 2.13 4.99
CA PRO A 832 -4.91 2.41 3.77
C PRO A 832 -5.59 3.37 2.82
N SER A 833 -6.92 3.48 2.86
CA SER A 833 -7.62 4.46 2.03
C SER A 833 -8.93 4.98 2.62
N GLY A 834 -9.44 4.32 3.65
CA GLY A 834 -10.64 4.85 4.26
C GLY A 834 -11.21 4.02 5.37
N MET A 835 -12.16 4.62 6.07
CA MET A 835 -12.83 3.97 7.18
C MET A 835 -14.21 4.59 7.33
N PHE A 836 -15.13 3.82 7.90
CA PHE A 836 -16.44 4.39 8.16
C PHE A 836 -17.12 3.77 9.35
N ILE A 837 -18.06 4.54 9.91
CA ILE A 837 -18.99 4.05 10.92
C ILE A 837 -20.40 4.35 10.43
N GLU A 838 -21.34 3.53 10.86
CA GLU A 838 -22.73 3.73 10.47
C GLU A 838 -23.70 3.16 11.49
N ASP A 839 -24.92 3.68 11.45
CA ASP A 839 -26.04 3.03 12.12
C ASP A 839 -27.14 2.79 11.09
N ALA A 840 -28.39 2.59 11.54
CA ALA A 840 -29.48 2.34 10.59
C ALA A 840 -29.68 3.47 9.59
N ASN A 841 -29.40 4.71 10.03
CA ASN A 841 -29.76 5.88 9.22
C ASN A 841 -28.62 6.70 8.62
N THR A 842 -27.49 6.69 9.31
CA THR A 842 -26.41 7.65 9.03
C THR A 842 -25.07 6.94 8.93
N ARG A 843 -24.24 7.39 8.00
CA ARG A 843 -22.86 6.89 7.89
C ARG A 843 -21.91 8.08 7.79
N LEU A 844 -20.76 7.95 8.44
CA LEU A 844 -19.67 8.91 8.26
C LEU A 844 -18.47 8.13 7.72
N THR A 845 -18.00 8.55 6.56
CA THR A 845 -16.85 7.95 5.91
C THR A 845 -15.71 8.97 5.83
N LEU A 846 -14.53 8.55 6.25
CA LEU A 846 -13.31 9.36 6.09
C LEU A 846 -12.42 8.64 5.09
N LEU A 847 -12.17 9.28 3.96
CA LEU A 847 -11.27 8.76 2.93
C LEU A 847 -9.91 9.41 3.10
N THR A 848 -8.84 8.66 2.85
CA THR A 848 -7.48 9.17 3.06
CA THR A 848 -7.50 9.16 3.08
C THR A 848 -6.63 9.15 1.82
N GLY A 849 -5.70 10.10 1.74
CA GLY A 849 -4.73 10.14 0.66
C GLY A 849 -3.41 9.49 1.03
N GLN A 850 -3.38 8.80 2.16
CA GLN A 850 -2.17 8.18 2.66
C GLN A 850 -2.57 7.12 3.69
N PRO A 851 -1.83 6.01 3.77
CA PRO A 851 -2.15 5.00 4.78
C PRO A 851 -1.68 5.43 6.18
N LEU A 852 -2.58 5.32 7.15
CA LEU A 852 -2.32 5.66 8.54
C LEU A 852 -3.05 4.66 9.43
N GLY A 853 -2.79 4.68 10.72
CA GLY A 853 -3.49 3.79 11.65
C GLY A 853 -4.71 4.45 12.21
N GLY A 854 -5.72 3.66 12.52
CA GLY A 854 -6.92 4.25 13.08
C GLY A 854 -7.84 3.24 13.71
N SER A 855 -8.92 3.76 14.29
CA SER A 855 -9.84 2.93 15.02
C SER A 855 -11.14 3.67 15.24
N SER A 856 -12.08 2.96 15.87
CA SER A 856 -13.25 3.57 16.46
C SER A 856 -13.29 3.05 17.90
N LEU A 857 -12.82 3.87 18.85
CA LEU A 857 -12.66 3.42 20.23
C LEU A 857 -13.91 3.57 21.10
N ALA A 858 -14.92 4.20 20.54
CA ALA A 858 -16.21 4.36 21.20
C ALA A 858 -17.25 4.55 20.13
N SER A 859 -18.49 4.20 20.45
CA SER A 859 -19.59 4.37 19.55
C SER A 859 -19.61 5.81 19.05
N GLY A 860 -19.83 5.98 17.75
CA GLY A 860 -19.91 7.30 17.13
C GLY A 860 -18.58 7.95 16.79
N GLU A 861 -17.47 7.31 17.15
CA GLU A 861 -16.15 7.91 16.88
C GLU A 861 -15.36 7.26 15.73
N LEU A 862 -14.54 8.07 15.10
CA LEU A 862 -13.50 7.60 14.18
C LEU A 862 -12.24 8.31 14.62
N GLU A 863 -11.10 7.65 14.53
CA GLU A 863 -9.85 8.36 14.76
C GLU A 863 -8.76 7.83 13.88
N ILE A 864 -7.83 8.71 13.55
CA ILE A 864 -6.74 8.36 12.64
C ILE A 864 -5.47 9.06 13.10
N MET A 865 -4.40 8.28 13.25
CA MET A 865 -3.13 8.82 13.73
C MET A 865 -2.45 9.66 12.65
N GLN A 866 -1.88 10.79 13.05
CA GLN A 866 -1.27 11.74 12.11
C GLN A 866 0.24 11.59 12.02
N ASP A 867 0.89 11.48 13.17
CA ASP A 867 2.34 11.23 13.21
C ASP A 867 2.68 10.77 14.61
N ARG A 868 3.88 10.22 14.76
CA ARG A 868 4.34 9.70 16.02
C ARG A 868 5.85 9.93 16.09
N ARG A 869 6.30 10.39 17.26
CA ARG A 869 7.70 10.67 17.50
C ARG A 869 8.06 9.96 18.79
N LEU A 870 8.98 9.02 18.69
CA LEU A 870 9.27 8.06 19.76
C LEU A 870 10.75 7.96 20.01
N ALA A 871 11.12 8.16 21.27
CA ALA A 871 12.52 8.24 21.63
C ALA A 871 13.18 6.88 21.78
N SER A 872 12.40 5.84 22.03
CA SER A 872 12.99 4.54 22.31
CA SER A 872 12.93 4.52 22.35
C SER A 872 12.78 3.50 21.21
N ASP A 873 13.67 2.52 21.22
CA ASP A 873 13.60 1.36 20.36
C ASP A 873 12.60 0.38 20.98
N ASP A 874 11.89 -0.37 20.14
CA ASP A 874 10.88 -1.32 20.61
C ASP A 874 11.30 -2.78 20.46
N GLU A 875 12.59 -3.05 20.49
CA GLU A 875 13.13 -4.41 20.64
C GLU A 875 12.82 -5.35 19.48
N ARG A 876 12.61 -4.80 18.28
CA ARG A 876 12.33 -5.63 17.12
C ARG A 876 13.45 -5.58 16.08
N GLY A 877 14.60 -5.03 16.47
CA GLY A 877 15.80 -5.10 15.64
C GLY A 877 16.24 -3.81 14.98
N LEU A 878 15.36 -2.80 15.00
CA LEU A 878 15.65 -1.55 14.32
C LEU A 878 16.80 -0.78 15.00
N GLY A 879 16.82 -0.80 16.34
CA GLY A 879 17.93 -0.19 17.09
C GLY A 879 17.89 1.33 17.08
N GLN A 880 16.71 1.89 16.90
CA GLN A 880 16.50 3.32 17.04
C GLN A 880 15.02 3.59 17.25
N GLY A 881 14.71 4.77 17.77
CA GLY A 881 13.35 5.24 17.81
C GLY A 881 12.97 5.91 16.51
N VAL A 882 11.92 6.72 16.57
CA VAL A 882 11.48 7.47 15.41
C VAL A 882 11.58 8.94 15.79
N LEU A 883 12.67 9.57 15.36
CA LEU A 883 12.94 10.96 15.70
C LEU A 883 13.28 11.81 14.47
N ASP A 884 13.00 11.26 13.29
CA ASP A 884 13.30 11.92 12.02
C ASP A 884 12.06 12.49 11.33
N ASN A 885 11.06 12.84 12.13
CA ASN A 885 9.84 13.43 11.62
C ASN A 885 10.10 14.65 10.78
N LYS A 886 9.26 14.83 9.78
CA LYS A 886 9.30 16.04 8.96
C LYS A 886 7.87 16.42 8.62
N PRO A 887 7.65 17.72 8.34
CA PRO A 887 6.31 18.15 7.98
C PRO A 887 5.72 17.36 6.83
N VAL A 888 4.46 16.99 6.98
CA VAL A 888 3.74 16.23 5.97
C VAL A 888 2.34 16.81 5.83
N LEU A 889 1.88 16.90 4.60
CA LEU A 889 0.51 17.31 4.33
C LEU A 889 -0.39 16.11 4.10
N HIS A 890 -1.17 15.75 5.12
CA HIS A 890 -2.15 14.67 5.00
C HIS A 890 -3.44 15.20 4.40
N ILE A 891 -4.06 14.42 3.52
CA ILE A 891 -5.28 14.83 2.86
C ILE A 891 -6.39 13.82 3.05
N TYR A 892 -7.62 14.31 3.11
CA TYR A 892 -8.78 13.48 3.40
C TYR A 892 -10.01 14.05 2.73
N ARG A 893 -11.04 13.20 2.62
CA ARG A 893 -12.39 13.68 2.32
C ARG A 893 -13.31 13.12 3.40
N LEU A 894 -14.27 13.93 3.80
CA LEU A 894 -15.18 13.57 4.88
C LEU A 894 -16.59 13.53 4.32
N VAL A 895 -17.19 12.34 4.28
CA VAL A 895 -18.49 12.16 3.65
C VAL A 895 -19.53 11.71 4.68
N LEU A 896 -20.47 12.60 4.99
CA LEU A 896 -21.62 12.28 5.83
C LEU A 896 -22.79 11.99 4.91
N GLU A 897 -23.47 10.86 5.14
CA GLU A 897 -24.54 10.43 4.25
C GLU A 897 -25.66 9.79 5.02
N LYS A 898 -26.87 9.93 4.49
CA LYS A 898 -28.01 9.13 4.92
C LYS A 898 -27.97 7.79 4.19
N VAL A 899 -28.10 6.72 4.96
CA VAL A 899 -28.01 5.37 4.40
C VAL A 899 -29.23 4.51 4.70
N ASN A 900 -30.30 5.12 5.23
CA ASN A 900 -31.53 4.39 5.53
C ASN A 900 -32.15 3.68 4.32
N ASN A 901 -31.91 4.21 3.13
CA ASN A 901 -32.45 3.67 1.89
C ASN A 901 -31.51 2.72 1.14
N CYS A 902 -30.28 2.59 1.63
CA CYS A 902 -29.28 1.77 0.95
C CYS A 902 -29.50 0.29 1.18
N VAL A 903 -29.28 -0.49 0.13
CA VAL A 903 -29.30 -1.94 0.26
C VAL A 903 -27.94 -2.39 0.80
N ARG A 904 -27.93 -2.76 2.08
CA ARG A 904 -26.70 -3.11 2.74
C ARG A 904 -26.61 -4.60 3.00
N PRO A 905 -25.40 -5.12 3.22
CA PRO A 905 -25.28 -6.52 3.60
C PRO A 905 -25.99 -6.78 4.91
N SER A 906 -26.34 -8.05 5.16
CA SER A 906 -26.95 -8.42 6.42
C SER A 906 -25.97 -8.25 7.57
N LYS A 907 -26.49 -8.32 8.80
CA LYS A 907 -25.68 -8.13 9.99
C LYS A 907 -24.55 -9.16 10.13
N LEU A 908 -24.68 -10.31 9.47
CA LEU A 908 -23.67 -11.37 9.56
C LEU A 908 -22.60 -11.30 8.47
N HIS A 909 -22.78 -10.42 7.51
CA HIS A 909 -21.83 -10.31 6.41
C HIS A 909 -20.56 -9.61 6.90
N PRO A 910 -19.37 -10.18 6.58
CA PRO A 910 -18.14 -9.56 7.06
C PRO A 910 -17.62 -8.36 6.26
N ALA A 911 -18.27 -7.99 5.16
CA ALA A 911 -17.83 -6.84 4.33
C ALA A 911 -18.74 -5.63 4.46
N GLY A 912 -18.21 -4.48 4.05
CA GLY A 912 -19.01 -3.29 3.82
C GLY A 912 -18.62 -2.71 2.48
N TYR A 913 -19.42 -1.77 1.98
CA TYR A 913 -19.21 -1.18 0.67
C TYR A 913 -19.46 0.30 0.71
N LEU A 914 -18.69 1.03 -0.08
CA LEU A 914 -18.86 2.47 -0.20
C LEU A 914 -20.08 2.84 -1.01
N THR A 915 -20.56 4.05 -0.79
CA THR A 915 -21.50 4.70 -1.68
C THR A 915 -20.74 5.33 -2.85
N SER A 916 -21.47 5.69 -3.90
CA SER A 916 -20.89 6.40 -5.03
CA SER A 916 -20.86 6.37 -5.03
C SER A 916 -20.11 7.64 -4.61
N ALA A 917 -20.71 8.45 -3.73
CA ALA A 917 -20.06 9.68 -3.31
C ALA A 917 -18.73 9.41 -2.62
N ALA A 918 -18.69 8.41 -1.75
CA ALA A 918 -17.47 8.09 -1.02
C ALA A 918 -16.40 7.53 -1.94
N HIS A 919 -16.81 6.68 -2.87
CA HIS A 919 -15.86 6.14 -3.83
C HIS A 919 -15.25 7.25 -4.70
N LYS A 920 -16.09 8.15 -5.20
CA LYS A 920 -15.57 9.27 -5.98
C LYS A 920 -14.67 10.17 -5.15
N ALA A 921 -15.00 10.36 -3.88
CA ALA A 921 -14.15 11.13 -2.98
C ALA A 921 -12.78 10.44 -2.82
N SER A 922 -12.77 9.12 -2.68
CA SER A 922 -11.49 8.41 -2.61
C SER A 922 -10.68 8.61 -3.90
N GLN A 923 -11.34 8.49 -5.04
CA GLN A 923 -10.67 8.72 -6.32
C GLN A 923 -10.11 10.14 -6.44
N SER A 924 -10.79 11.12 -5.84
CA SER A 924 -10.34 12.50 -5.88
CA SER A 924 -10.32 12.48 -5.91
C SER A 924 -9.02 12.68 -5.13
N LEU A 925 -8.78 11.82 -4.15
CA LEU A 925 -7.57 11.88 -3.35
C LEU A 925 -6.45 11.10 -3.99
N LEU A 926 -6.76 9.90 -4.49
CA LEU A 926 -5.72 9.00 -4.98
C LEU A 926 -5.37 9.23 -6.44
N ASP A 927 -6.35 9.60 -7.26
CA ASP A 927 -6.08 9.83 -8.66
C ASP A 927 -6.70 11.14 -9.14
N PRO A 928 -6.17 12.27 -8.64
CA PRO A 928 -6.68 13.58 -9.03
C PRO A 928 -6.32 13.87 -10.48
N LEU A 929 -6.89 14.92 -11.06
CA LEU A 929 -6.38 15.42 -12.33
C LEU A 929 -4.92 15.81 -12.20
N ASP A 930 -4.15 15.56 -13.24
CA ASP A 930 -2.77 16.05 -13.33
C ASP A 930 -2.77 17.38 -14.06
N LYS A 931 -1.92 18.29 -13.62
CA LYS A 931 -1.90 19.64 -14.17
C LYS A 931 -0.54 19.93 -14.78
N PHE A 932 -0.54 20.44 -16.00
CA PHE A 932 0.70 20.72 -16.74
C PHE A 932 0.70 22.18 -17.16
N ILE A 933 1.83 22.86 -16.98
CA ILE A 933 1.97 24.26 -17.38
C ILE A 933 2.94 24.29 -18.54
N PHE A 934 2.54 24.84 -19.69
CA PHE A 934 3.44 24.90 -20.83
C PHE A 934 4.65 25.79 -20.50
N ALA A 935 5.86 25.29 -20.75
CA ALA A 935 7.06 25.98 -20.30
C ALA A 935 7.42 27.21 -21.15
N GLU A 936 7.36 27.07 -22.47
CA GLU A 936 7.79 28.13 -23.39
C GLU A 936 6.72 29.21 -23.53
N ASN A 937 7.03 30.28 -24.26
CA ASN A 937 6.09 31.38 -24.43
C ASN A 937 4.94 31.05 -25.35
N GLU A 938 5.23 30.30 -26.42
CA GLU A 938 4.21 29.95 -27.39
C GLU A 938 4.24 28.46 -27.73
N TRP A 939 3.06 27.86 -27.74
CA TRP A 939 2.90 26.46 -28.13
C TRP A 939 2.31 26.40 -29.54
N ILE A 940 3.20 26.22 -30.53
CA ILE A 940 2.77 26.14 -31.93
C ILE A 940 2.10 24.77 -32.18
N GLY A 941 0.91 24.80 -32.76
CA GLY A 941 0.18 23.57 -33.10
C GLY A 941 -0.62 22.98 -31.95
N ALA A 942 -0.84 23.76 -30.90
CA ALA A 942 -1.57 23.31 -29.72
C ALA A 942 -2.98 22.88 -30.06
N GLN A 943 -3.43 21.80 -29.43
CA GLN A 943 -4.79 21.28 -29.60
C GLN A 943 -5.55 21.33 -28.28
N GLY A 944 -6.87 21.36 -28.36
CA GLY A 944 -7.70 21.64 -27.19
C GLY A 944 -8.05 20.45 -26.34
N GLN A 945 -7.96 19.25 -26.90
CA GLN A 945 -8.49 18.08 -26.22
C GLN A 945 -7.90 16.81 -26.79
N PHE A 946 -7.80 15.80 -25.93
CA PHE A 946 -7.50 14.43 -26.36
C PHE A 946 -8.45 13.50 -25.61
N GLY A 947 -9.02 12.52 -26.32
CA GLY A 947 -9.85 11.51 -25.69
C GLY A 947 -11.34 11.82 -25.64
N GLY A 948 -11.78 12.84 -26.35
CA GLY A 948 -13.21 13.17 -26.41
C GLY A 948 -14.07 12.02 -26.90
N ASP A 949 -13.46 11.11 -27.66
CA ASP A 949 -14.16 9.94 -28.18
C ASP A 949 -13.93 8.66 -27.36
N HIS A 950 -13.23 8.76 -26.23
CA HIS A 950 -13.05 7.61 -25.34
C HIS A 950 -14.37 7.31 -24.63
N PRO A 951 -14.73 6.02 -24.49
CA PRO A 951 -15.95 5.69 -23.75
C PRO A 951 -15.92 6.15 -22.29
N SER A 952 -17.05 6.63 -21.80
CA SER A 952 -17.17 7.06 -20.42
C SER A 952 -17.83 5.94 -19.66
N ALA A 953 -17.03 5.17 -18.94
CA ALA A 953 -17.46 3.91 -18.35
C ALA A 953 -18.24 4.14 -17.07
N ARG A 954 -19.02 3.14 -16.68
CA ARG A 954 -19.77 3.19 -15.44
C ARG A 954 -18.83 3.50 -14.26
N GLU A 955 -19.38 4.21 -13.28
CA GLU A 955 -18.57 4.82 -12.23
C GLU A 955 -17.82 3.82 -11.37
N ASP A 956 -18.30 2.58 -11.30
CA ASP A 956 -17.63 1.58 -10.48
C ASP A 956 -16.47 0.87 -11.18
N LEU A 957 -16.25 1.18 -12.46
CA LEU A 957 -15.18 0.53 -13.22
C LEU A 957 -13.98 1.46 -13.32
N ASP A 958 -12.79 0.90 -13.14
CA ASP A 958 -11.56 1.65 -13.35
C ASP A 958 -10.61 0.88 -14.25
N VAL A 959 -9.84 1.63 -15.04
CA VAL A 959 -8.70 1.09 -15.76
C VAL A 959 -7.50 1.34 -14.86
N SER A 960 -7.22 0.38 -13.99
CA SER A 960 -6.20 0.50 -12.95
C SER A 960 -4.79 0.62 -13.54
N VAL A 961 -4.57 -0.09 -14.64
CA VAL A 961 -3.30 -0.11 -15.35
C VAL A 961 -3.59 -0.06 -16.84
N MET A 962 -2.88 0.82 -17.54
CA MET A 962 -2.76 0.75 -18.99
C MET A 962 -1.28 0.85 -19.25
N ARG A 963 -0.73 -0.17 -19.91
CA ARG A 963 0.71 -0.26 -20.09
C ARG A 963 1.03 -0.86 -21.45
N ARG A 964 1.81 -0.15 -22.27
CA ARG A 964 2.28 -0.77 -23.50
C ARG A 964 3.36 -1.78 -23.14
N LEU A 965 3.23 -2.98 -23.68
CA LEU A 965 4.09 -4.11 -23.29
C LEU A 965 5.23 -4.37 -24.27
N THR A 966 5.21 -3.68 -25.41
CA THR A 966 6.17 -3.89 -26.49
C THR A 966 6.91 -2.63 -26.79
N LYS A 967 8.19 -2.77 -27.15
CA LYS A 967 9.01 -1.66 -27.65
C LYS A 967 8.70 -1.41 -29.12
N SER A 968 9.24 -0.33 -29.67
CA SER A 968 8.84 0.17 -30.98
C SER A 968 9.18 -0.77 -32.14
N SER A 969 10.18 -1.62 -31.94
CA SER A 969 10.64 -2.56 -32.97
C SER A 969 9.73 -3.75 -33.19
N ALA A 970 8.80 -4.00 -32.26
CA ALA A 970 7.86 -5.11 -32.39
C ALA A 970 6.82 -4.89 -33.49
N LYS A 971 6.80 -5.79 -34.47
CA LYS A 971 5.79 -5.79 -35.53
C LYS A 971 4.36 -5.75 -34.98
N THR A 972 4.09 -6.60 -34.00
CA THR A 972 2.78 -6.63 -33.34
C THR A 972 2.92 -5.93 -31.98
N GLN A 973 2.29 -4.76 -31.88
CA GLN A 973 2.29 -4.02 -30.62
C GLN A 973 1.28 -4.63 -29.67
N ARG A 974 1.61 -4.61 -28.37
CA ARG A 974 0.71 -5.14 -27.35
C ARG A 974 0.52 -4.14 -26.24
N VAL A 975 -0.74 -3.98 -25.82
CA VAL A 975 -1.06 -3.07 -24.72
C VAL A 975 -1.85 -3.84 -23.68
N GLY A 976 -1.41 -3.74 -22.43
CA GLY A 976 -2.05 -4.42 -21.32
C GLY A 976 -2.92 -3.49 -20.49
N TYR A 977 -4.06 -4.01 -20.08
CA TYR A 977 -5.01 -3.27 -19.25
C TYR A 977 -5.38 -4.11 -18.05
N VAL A 978 -5.40 -3.49 -16.86
CA VAL A 978 -6.00 -4.12 -15.70
C VAL A 978 -7.27 -3.35 -15.40
N LEU A 979 -8.40 -4.07 -15.41
CA LEU A 979 -9.69 -3.47 -15.13
CA LEU A 979 -9.71 -3.49 -15.14
C LEU A 979 -10.19 -3.94 -13.77
N HIS A 980 -10.59 -3.00 -12.95
CA HIS A 980 -11.15 -3.32 -11.66
C HIS A 980 -12.55 -2.75 -11.52
N ARG A 981 -13.50 -3.58 -11.11
CA ARG A 981 -14.82 -3.06 -10.77
C ARG A 981 -15.03 -3.21 -9.30
N THR A 982 -15.28 -2.09 -8.64
CA THR A 982 -15.61 -2.11 -7.24
C THR A 982 -17.09 -2.45 -7.08
N ASN A 983 -17.59 -2.43 -5.86
CA ASN A 983 -19.02 -2.60 -5.64
C ASN A 983 -19.48 -1.46 -4.79
N LEU A 984 -20.44 -0.73 -5.33
CA LEU A 984 -21.01 0.44 -4.68
C LEU A 984 -22.42 0.12 -4.21
N MET A 985 -22.79 0.68 -3.08
CA MET A 985 -24.13 0.45 -2.55
C MET A 985 -25.23 1.03 -3.42
N GLN A 986 -26.29 0.25 -3.57
CA GLN A 986 -27.51 0.73 -4.22
CA GLN A 986 -27.51 0.73 -4.21
C GLN A 986 -28.30 1.53 -3.18
N CYS A 987 -28.51 2.81 -3.46
CA CYS A 987 -29.25 3.66 -2.52
C CYS A 987 -30.41 4.44 -3.17
N GLY A 988 -30.86 3.98 -4.34
CA GLY A 988 -32.05 4.55 -4.97
C GLY A 988 -31.81 5.63 -5.99
N THR A 989 -30.54 5.85 -6.34
CA THR A 989 -30.19 6.78 -7.41
C THR A 989 -30.22 6.00 -8.73
N PRO A 990 -31.07 6.44 -9.68
CA PRO A 990 -31.23 5.77 -10.98
C PRO A 990 -29.90 5.39 -11.67
N GLU A 991 -28.90 6.28 -11.59
CA GLU A 991 -27.55 6.03 -12.13
C GLU A 991 -27.57 5.63 -13.61
N GLU A 992 -27.61 6.62 -14.49
CA GLU A 992 -27.88 6.38 -15.91
C GLU A 992 -26.79 6.83 -16.88
N HIS A 993 -26.99 6.50 -18.16
CA HIS A 993 -26.16 6.92 -19.31
C HIS A 993 -24.63 6.75 -19.19
N THR A 994 -24.17 5.51 -19.37
CA THR A 994 -22.75 5.22 -19.55
C THR A 994 -22.54 4.27 -20.72
N GLN A 995 -21.34 4.32 -21.31
CA GLN A 995 -21.01 3.46 -22.44
C GLN A 995 -20.19 2.27 -21.99
N LYS A 996 -20.35 1.16 -22.71
CA LYS A 996 -19.51 -0.02 -22.51
C LYS A 996 -18.06 0.34 -22.81
N LEU A 997 -17.18 -0.03 -21.89
CA LEU A 997 -15.77 0.17 -22.12
C LEU A 997 -15.17 -1.14 -22.61
N ASP A 998 -14.70 -1.11 -23.86
CA ASP A 998 -13.95 -2.23 -24.41
C ASP A 998 -12.52 -1.77 -24.58
N VAL A 999 -11.66 -2.18 -23.66
CA VAL A 999 -10.28 -1.70 -23.69
C VAL A 999 -9.51 -2.17 -24.93
N CYS A 1000 -9.93 -3.29 -25.50
CA CYS A 1000 -9.21 -3.83 -26.65
C CYS A 1000 -9.37 -2.98 -27.92
N HIS A 1001 -10.35 -2.08 -27.93
CA HIS A 1001 -10.56 -1.16 -29.05
C HIS A 1001 -10.16 0.30 -28.76
N LEU A 1002 -9.49 0.53 -27.63
CA LEU A 1002 -9.01 1.87 -27.31
C LEU A 1002 -7.93 2.33 -28.27
N LEU A 1003 -7.13 1.40 -28.75
CA LEU A 1003 -6.14 1.69 -29.77
CA LEU A 1003 -6.12 1.66 -29.77
C LEU A 1003 -6.57 1.07 -31.09
N PRO A 1004 -6.26 1.76 -32.21
CA PRO A 1004 -6.75 1.28 -33.51
C PRO A 1004 -6.06 0.01 -33.97
N ASN A 1005 -6.65 -0.62 -34.98
CA ASN A 1005 -6.05 -1.75 -35.68
C ASN A 1005 -5.83 -2.97 -34.79
N VAL A 1006 -6.77 -3.23 -33.91
CA VAL A 1006 -6.70 -4.40 -33.05
C VAL A 1006 -6.75 -5.67 -33.91
N ALA A 1007 -5.85 -6.60 -33.63
CA ALA A 1007 -5.76 -7.87 -34.34
C ALA A 1007 -6.10 -9.06 -33.44
N ARG A 1008 -5.95 -8.86 -32.13
CA ARG A 1008 -6.23 -9.91 -31.16
C ARG A 1008 -6.53 -9.27 -29.80
N CYS A 1009 -7.41 -9.90 -29.03
CA CYS A 1009 -7.67 -9.49 -27.65
C CYS A 1009 -7.65 -10.75 -26.79
N GLU A 1010 -6.89 -10.70 -25.71
CA GLU A 1010 -6.72 -11.86 -24.86
C GLU A 1010 -6.94 -11.49 -23.40
N ARG A 1011 -7.62 -12.35 -22.65
CA ARG A 1011 -7.61 -12.20 -21.21
C ARG A 1011 -6.36 -12.87 -20.69
N THR A 1012 -5.66 -12.21 -19.76
CA THR A 1012 -4.41 -12.71 -19.22
C THR A 1012 -4.46 -12.71 -17.70
N THR A 1013 -3.49 -13.38 -17.09
CA THR A 1013 -3.21 -13.16 -15.67
C THR A 1013 -2.91 -11.68 -15.43
N LEU A 1014 -3.01 -11.25 -14.17
CA LEU A 1014 -2.91 -9.81 -13.89
C LEU A 1014 -1.52 -9.22 -14.13
N THR A 1015 -0.53 -10.10 -14.22
CA THR A 1015 0.85 -9.72 -14.51
C THR A 1015 1.12 -9.66 -16.01
N PHE A 1016 0.11 -10.02 -16.81
CA PHE A 1016 0.16 -10.07 -18.28
C PHE A 1016 1.00 -11.24 -18.82
N LEU A 1017 1.41 -12.15 -17.95
CA LEU A 1017 2.42 -13.15 -18.34
C LEU A 1017 1.87 -14.43 -18.92
N GLN A 1018 0.57 -14.69 -18.75
CA GLN A 1018 -0.05 -15.90 -19.32
C GLN A 1018 -1.37 -15.56 -19.97
N ASN A 1019 -1.57 -16.04 -21.19
CA ASN A 1019 -2.83 -15.86 -21.89
C ASN A 1019 -3.81 -16.90 -21.38
N LEU A 1020 -5.00 -16.46 -20.99
CA LEU A 1020 -6.01 -17.35 -20.41
C LEU A 1020 -7.18 -17.61 -21.36
N GLU A 1021 -7.50 -16.61 -22.19
CA GLU A 1021 -8.66 -16.69 -23.10
C GLU A 1021 -8.41 -15.85 -24.35
N HIS A 1022 -8.71 -16.43 -25.50
CA HIS A 1022 -8.70 -15.72 -26.78
C HIS A 1022 -10.11 -15.22 -26.99
N LEU A 1023 -10.25 -13.89 -27.08
CA LEU A 1023 -11.57 -13.28 -26.98
C LEU A 1023 -12.28 -13.08 -28.32
N ASP A 1024 -13.51 -13.58 -28.40
CA ASP A 1024 -14.33 -13.47 -29.60
C ASP A 1024 -14.59 -12.02 -29.97
N GLY A 1025 -14.41 -11.72 -31.25
CA GLY A 1025 -14.67 -10.39 -31.80
C GLY A 1025 -13.71 -9.33 -31.30
N MET A 1026 -12.63 -9.78 -30.65
CA MET A 1026 -11.61 -8.89 -30.07
C MET A 1026 -12.20 -7.91 -29.07
N VAL A 1027 -13.26 -8.34 -28.37
CA VAL A 1027 -13.96 -7.49 -27.41
C VAL A 1027 -13.66 -7.96 -25.99
N ALA A 1028 -13.08 -7.07 -25.19
CA ALA A 1028 -12.78 -7.36 -23.80
C ALA A 1028 -14.01 -7.06 -22.97
N PRO A 1029 -14.60 -8.10 -22.35
CA PRO A 1029 -15.81 -7.88 -21.54
C PRO A 1029 -15.51 -7.14 -20.24
N GLU A 1030 -16.47 -6.34 -19.78
CA GLU A 1030 -16.37 -5.71 -18.48
C GLU A 1030 -16.48 -6.76 -17.37
N VAL A 1031 -15.84 -6.47 -16.25
CA VAL A 1031 -15.76 -7.41 -15.14
C VAL A 1031 -16.93 -7.25 -14.17
N CYS A 1032 -17.12 -8.26 -13.34
CA CYS A 1032 -18.15 -8.28 -12.29
C CYS A 1032 -17.73 -7.45 -11.09
N PRO A 1033 -18.71 -7.02 -10.26
CA PRO A 1033 -18.37 -6.33 -9.02
C PRO A 1033 -17.38 -7.11 -8.16
N MET A 1034 -16.37 -6.38 -7.70
CA MET A 1034 -15.25 -6.89 -6.88
C MET A 1034 -14.24 -7.74 -7.64
N GLU A 1035 -14.39 -7.81 -8.96
CA GLU A 1035 -13.49 -8.59 -9.79
C GLU A 1035 -12.47 -7.66 -10.43
N THR A 1036 -11.30 -8.22 -10.74
CA THR A 1036 -10.24 -7.55 -11.45
C THR A 1036 -9.83 -8.50 -12.55
N ALA A 1037 -9.72 -7.99 -13.76
CA ALA A 1037 -9.28 -8.80 -14.90
C ALA A 1037 -8.22 -8.05 -15.66
N ALA A 1038 -7.42 -8.79 -16.41
CA ALA A 1038 -6.43 -8.19 -17.27
C ALA A 1038 -6.65 -8.62 -18.70
N TYR A 1039 -6.39 -7.70 -19.61
CA TYR A 1039 -6.53 -7.95 -21.03
C TYR A 1039 -5.34 -7.39 -21.76
N VAL A 1040 -4.94 -8.06 -22.83
CA VAL A 1040 -3.91 -7.56 -23.70
C VAL A 1040 -4.48 -7.48 -25.10
N SER A 1041 -4.43 -6.28 -25.70
CA SER A 1041 -4.76 -6.11 -27.11
C SER A 1041 -3.49 -6.11 -27.95
N SER A 1042 -3.59 -6.77 -29.11
CA SER A 1042 -2.50 -6.82 -30.06
C SER A 1042 -2.89 -6.01 -31.29
N HIS A 1043 -1.93 -5.28 -31.85
CA HIS A 1043 -2.22 -4.31 -32.90
C HIS A 1043 -1.24 -4.46 -34.04
N SER A 1044 -1.81 -4.54 -35.25
CA SER A 1044 -1.07 -4.75 -36.48
C SER A 1044 -0.64 -3.42 -37.10
#